data_3E6O
#
_entry.id   3E6O
#
_cell.length_a   213.898
_cell.length_b   213.898
_cell.length_c   116.148
_cell.angle_alpha   90.00
_cell.angle_beta   90.00
_cell.angle_gamma   120.00
#
_symmetry.space_group_name_H-M   'P 61 2 2'
#
loop_
_entity.id
_entity.type
_entity.pdbx_description
1 polymer 'Nitric oxide synthase, inducible'
2 non-polymer 'PROTOPORPHYRIN IX CONTAINING FE'
3 non-polymer 5,6,7,8-TETRAHYDROBIOPTERIN
4 non-polymer N-[2-(4-AMINO-5,8-DIFLUORO-1,2-DIHYDROQUINAZOLIN-2-YL)ETHYL]-3-FURAMIDE
5 water water
#
_entity_poly.entity_id   1
_entity_poly.type   'polypeptide(L)'
_entity_poly.pdbx_seq_one_letter_code
;LDKLHVTSTRPQYVRIKNWGSGEILHDTLHHKATSDFTCKSKSCLGSIMNPKSLTRGPRDKPTPLEELLPHAIEFINQYY
GSFKEAKIEEHLARLEAVTKEIETTGTYQLTLDELIFATKMAWRNAPRCIGRIQWSNLQVFDARNCSTAQEMFQHICRHI
LYATNNGNIRSAITVFPQRSDGKHDFRLWNSQLIRYAGYQMPDGTIRGDAATLEFTQLCIDLGWKPRYGRFDVLPLVLQA
DGQDPEVFEIPPDLVLEVTMEHPKYEWFQELGLKWYALPAVANMLLEVGGLEFPACPFNGWYMGTEIGVRDFCDTQRYNI
LEEVGRRMGLETHTLASLWKDRAVTEINVAVLHSFQKQNVTIMDHHTASESFMKHMQNEYRARGGCPADWIWLVPPVSGS
ITPVFHQEMLNYVLSPFYYYQIEPWKTHIWQNE
;
_entity_poly.pdbx_strand_id   A,B
#
loop_
_chem_comp.id
_chem_comp.type
_chem_comp.name
_chem_comp.formula
A55 non-polymer N-[2-(4-AMINO-5,8-DIFLUORO-1,2-DIHYDROQUINAZOLIN-2-YL)ETHYL]-3-FURAMIDE 'C15 H14 F2 N4 O2'
H4B non-polymer 5,6,7,8-TETRAHYDROBIOPTERIN 'C9 H15 N5 O3'
HEM non-polymer 'PROTOPORPHYRIN IX CONTAINING FE' 'C34 H32 Fe N4 O4'
#
# COMPACT_ATOMS: atom_id res chain seq x y z
N GLN A 12 3.47 32.77 13.45
CA GLN A 12 3.35 32.12 14.79
C GLN A 12 4.65 31.44 15.20
N TYR A 13 5.31 30.81 14.23
CA TYR A 13 6.56 30.12 14.48
C TYR A 13 7.04 29.45 13.19
N VAL A 14 8.36 29.29 13.04
CA VAL A 14 8.91 28.67 11.86
C VAL A 14 9.38 27.26 12.15
N ARG A 15 9.21 26.38 11.16
CA ARG A 15 9.62 24.97 11.27
C ARG A 15 11.04 24.79 10.77
N ILE A 16 11.80 23.99 11.50
CA ILE A 16 13.16 23.71 11.14
C ILE A 16 13.35 22.20 11.17
N LYS A 17 13.98 21.67 10.13
CA LYS A 17 14.18 20.23 10.04
C LYS A 17 15.63 19.78 10.07
N ASN A 18 15.87 18.66 10.74
CA ASN A 18 17.20 18.11 10.80
C ASN A 18 17.17 16.91 9.87
N TRP A 19 17.64 17.09 8.65
CA TRP A 19 17.62 16.02 7.68
C TRP A 19 18.41 14.79 8.06
N GLY A 20 19.09 14.84 9.21
CA GLY A 20 19.84 13.69 9.64
C GLY A 20 18.94 12.78 10.46
N SER A 21 18.48 13.30 11.60
CA SER A 21 17.62 12.56 12.51
C SER A 21 16.18 12.72 12.10
N GLY A 22 15.93 13.63 11.16
CA GLY A 22 14.58 13.88 10.70
C GLY A 22 13.71 14.66 11.69
N GLU A 23 14.28 14.97 12.85
CA GLU A 23 13.54 15.70 13.87
C GLU A 23 13.13 17.09 13.41
N ILE A 24 12.13 17.65 14.07
CA ILE A 24 11.64 18.97 13.73
C ILE A 24 11.57 19.85 14.96
N LEU A 25 11.85 21.14 14.77
CA LEU A 25 11.82 22.11 15.84
C LEU A 25 10.96 23.30 15.45
N HIS A 26 10.33 23.92 16.45
CA HIS A 26 9.49 25.08 16.20
C HIS A 26 10.18 26.30 16.77
N ASP A 27 10.62 27.20 15.90
CA ASP A 27 11.30 28.40 16.37
C ASP A 27 10.29 29.51 16.62
N THR A 28 10.28 30.02 17.85
CA THR A 28 9.39 31.10 18.23
C THR A 28 10.20 32.30 18.69
N LEU A 29 11.46 32.06 19.03
CA LEU A 29 12.34 33.11 19.51
C LEU A 29 12.63 34.21 18.50
N HIS A 30 12.77 33.84 17.23
CA HIS A 30 13.05 34.82 16.19
C HIS A 30 12.17 36.07 16.27
N HIS A 31 10.98 35.92 16.84
CA HIS A 31 10.07 37.05 16.97
C HIS A 31 10.75 38.18 17.75
N LYS A 32 11.66 37.81 18.64
CA LYS A 32 12.36 38.79 19.46
C LYS A 32 13.58 39.42 18.78
N ALA A 33 13.66 39.26 17.47
CA ALA A 33 14.76 39.81 16.68
C ALA A 33 14.71 41.34 16.65
N THR A 34 15.66 41.96 15.93
CA THR A 34 15.71 43.41 15.84
C THR A 34 15.41 43.99 14.44
N SER A 35 16.19 44.97 14.00
CA SER A 35 16.01 45.64 12.69
C SER A 35 16.24 44.74 11.47
N ASP A 36 16.28 45.36 10.28
CA ASP A 36 16.54 44.61 9.02
C ASP A 36 17.91 44.10 9.36
N PHE A 37 18.48 43.25 8.50
CA PHE A 37 19.75 42.65 8.91
C PHE A 37 20.17 41.78 7.70
N THR A 38 20.32 42.53 6.58
CA THR A 38 20.66 41.97 5.28
C THR A 38 19.38 41.24 4.88
N SER A 43 15.09 37.56 10.16
CA SER A 43 15.01 36.07 10.16
C SER A 43 15.44 35.53 8.80
N CYS A 44 16.75 35.26 8.66
CA CYS A 44 17.29 34.74 7.42
C CYS A 44 17.03 33.24 7.29
N LEU A 45 16.32 32.88 6.22
CA LEU A 45 15.95 31.50 5.95
C LEU A 45 16.96 30.80 5.02
N GLY A 46 18.20 31.30 5.03
CA GLY A 46 19.24 30.74 4.17
C GLY A 46 19.56 29.26 4.30
N SER A 47 19.55 28.73 5.51
CA SER A 47 19.87 27.33 5.74
C SER A 47 18.73 26.35 5.39
N ILE A 48 17.57 26.88 5.03
CA ILE A 48 16.40 26.09 4.69
C ILE A 48 16.48 25.38 3.34
N MET A 49 16.20 24.08 3.35
CA MET A 49 16.25 23.26 2.15
C MET A 49 15.21 23.65 1.09
N ASN A 50 13.93 23.60 1.47
CA ASN A 50 12.85 23.93 0.55
C ASN A 50 11.96 25.09 0.99
N PRO A 51 12.44 26.33 0.88
CA PRO A 51 11.59 27.46 1.28
C PRO A 51 10.54 27.71 0.20
N LYS A 52 9.46 28.42 0.56
CA LYS A 52 8.40 28.72 -0.40
C LYS A 52 8.92 29.62 -1.51
N SER A 53 9.85 30.49 -1.19
CA SER A 53 10.39 31.39 -2.20
C SER A 53 11.05 30.63 -3.33
N LEU A 54 11.32 29.35 -3.13
CA LEU A 54 11.96 28.55 -4.15
C LEU A 54 11.03 27.49 -4.74
N THR A 55 9.77 27.52 -4.31
CA THR A 55 8.77 26.59 -4.80
C THR A 55 7.71 27.26 -5.66
N ARG A 56 7.29 26.58 -6.72
CA ARG A 56 6.25 27.09 -7.60
C ARG A 56 5.17 26.01 -7.58
N GLY A 57 4.07 26.31 -6.89
CA GLY A 57 3.00 25.34 -6.73
C GLY A 57 1.93 25.20 -7.79
N PRO A 58 0.85 24.48 -7.46
CA PRO A 58 -0.29 24.22 -8.34
C PRO A 58 -1.07 25.48 -8.74
N ARG A 59 -1.98 25.30 -9.68
CA ARG A 59 -2.83 26.37 -10.18
C ARG A 59 -4.15 25.74 -10.62
N ASP A 60 -5.24 26.48 -10.48
CA ASP A 60 -6.57 26.00 -10.86
C ASP A 60 -7.09 26.66 -12.11
N LYS A 61 -6.43 27.73 -12.52
CA LYS A 61 -6.87 28.47 -13.68
C LYS A 61 -5.67 29.01 -14.44
N PRO A 62 -5.88 29.39 -15.69
CA PRO A 62 -4.78 29.91 -16.49
C PRO A 62 -4.18 31.12 -15.79
N THR A 63 -3.03 31.55 -16.26
CA THR A 63 -2.37 32.69 -15.68
C THR A 63 -3.08 33.97 -16.13
N PRO A 64 -3.50 34.82 -15.19
CA PRO A 64 -4.18 36.07 -15.56
C PRO A 64 -3.40 36.78 -16.66
N LEU A 65 -4.10 37.15 -17.72
CA LEU A 65 -3.46 37.83 -18.84
C LEU A 65 -2.67 39.06 -18.43
N GLU A 66 -3.18 39.78 -17.44
CA GLU A 66 -2.53 40.99 -16.97
C GLU A 66 -1.11 40.69 -16.48
N GLU A 67 -0.88 39.47 -15.99
CA GLU A 67 0.45 39.09 -15.50
C GLU A 67 1.26 38.47 -16.62
N LEU A 68 0.61 37.66 -17.43
CA LEU A 68 1.28 36.97 -18.52
C LEU A 68 1.95 37.90 -19.53
N LEU A 69 1.13 38.71 -20.19
CA LEU A 69 1.64 39.61 -21.22
C LEU A 69 2.90 40.37 -20.84
N PRO A 70 2.96 40.93 -19.63
CA PRO A 70 4.15 41.68 -19.20
C PRO A 70 5.38 40.77 -19.15
N HIS A 71 5.26 39.66 -18.43
CA HIS A 71 6.36 38.71 -18.30
C HIS A 71 6.78 38.23 -19.69
N ALA A 72 5.80 37.90 -20.53
CA ALA A 72 6.07 37.44 -21.87
C ALA A 72 6.90 38.47 -22.65
N ILE A 73 6.47 39.73 -22.59
CA ILE A 73 7.18 40.80 -23.29
C ILE A 73 8.60 40.91 -22.76
N GLU A 74 8.75 40.80 -21.45
CA GLU A 74 10.08 40.89 -20.85
C GLU A 74 10.98 39.81 -21.41
N PHE A 75 10.50 38.58 -21.39
CA PHE A 75 11.26 37.46 -21.91
C PHE A 75 11.69 37.66 -23.35
N ILE A 76 10.77 38.11 -24.19
CA ILE A 76 11.11 38.33 -25.59
C ILE A 76 12.15 39.42 -25.76
N ASN A 77 12.10 40.45 -24.94
CA ASN A 77 13.07 41.54 -25.04
C ASN A 77 14.44 41.04 -24.57
N GLN A 78 14.41 40.08 -23.65
CA GLN A 78 15.64 39.50 -23.15
C GLN A 78 16.21 38.66 -24.30
N TYR A 79 15.37 37.77 -24.82
CA TYR A 79 15.76 36.90 -25.92
C TYR A 79 16.35 37.68 -27.08
N TYR A 80 15.60 38.64 -27.61
CA TYR A 80 16.08 39.41 -28.74
C TYR A 80 17.23 40.33 -28.35
N GLY A 81 17.23 40.79 -27.11
CA GLY A 81 18.31 41.65 -26.68
C GLY A 81 19.51 40.79 -26.31
N SER A 82 19.36 39.50 -26.54
CA SER A 82 20.41 38.53 -26.22
C SER A 82 21.58 38.49 -27.19
N PHE A 83 21.29 38.34 -28.48
CA PHE A 83 22.36 38.25 -29.47
C PHE A 83 22.89 39.56 -30.04
N LYS A 84 24.14 39.52 -30.50
CA LYS A 84 24.79 40.66 -31.12
C LYS A 84 24.10 40.88 -32.46
N GLU A 85 24.30 42.04 -33.05
CA GLU A 85 23.66 42.33 -34.34
C GLU A 85 22.18 42.07 -34.13
N ALA A 86 21.50 43.01 -33.46
CA ALA A 86 20.08 42.88 -33.17
C ALA A 86 19.23 42.68 -34.41
N LYS A 87 18.00 42.25 -34.20
CA LYS A 87 17.04 42.00 -35.27
C LYS A 87 15.74 42.70 -34.89
N ILE A 88 15.82 44.02 -34.76
CA ILE A 88 14.67 44.84 -34.38
C ILE A 88 13.36 44.44 -35.05
N GLU A 89 13.40 44.18 -36.35
CA GLU A 89 12.19 43.79 -37.07
C GLU A 89 11.63 42.51 -36.49
N GLU A 90 12.42 41.45 -36.51
CA GLU A 90 12.02 40.16 -35.96
C GLU A 90 11.53 40.32 -34.54
N HIS A 91 12.26 41.16 -33.80
CA HIS A 91 11.95 41.46 -32.40
C HIS A 91 10.55 42.09 -32.28
N LEU A 92 10.32 43.18 -33.01
CA LEU A 92 9.02 43.85 -32.99
C LEU A 92 7.94 42.89 -33.45
N ALA A 93 8.17 42.26 -34.60
CA ALA A 93 7.23 41.30 -35.14
C ALA A 93 6.90 40.24 -34.09
N ARG A 94 7.94 39.73 -33.40
CA ARG A 94 7.71 38.71 -32.39
C ARG A 94 6.89 39.25 -31.22
N LEU A 95 7.24 40.45 -30.74
CA LEU A 95 6.48 41.05 -29.64
C LEU A 95 5.01 41.11 -30.05
N GLU A 96 4.80 41.64 -31.26
CA GLU A 96 3.48 41.78 -31.86
C GLU A 96 2.81 40.42 -31.97
N ALA A 97 3.52 39.49 -32.59
CA ALA A 97 3.03 38.13 -32.79
C ALA A 97 2.61 37.42 -31.51
N VAL A 98 3.42 37.59 -30.47
CA VAL A 98 3.17 36.96 -29.17
C VAL A 98 1.97 37.55 -28.46
N THR A 99 1.84 38.87 -28.52
CA THR A 99 0.72 39.56 -27.90
C THR A 99 -0.57 39.05 -28.52
N LYS A 100 -0.60 39.06 -29.84
CA LYS A 100 -1.75 38.60 -30.61
C LYS A 100 -2.13 37.19 -30.20
N GLU A 101 -1.12 36.31 -30.13
CA GLU A 101 -1.35 34.93 -29.77
C GLU A 101 -1.92 34.79 -28.36
N ILE A 102 -1.52 35.69 -27.46
CA ILE A 102 -2.02 35.61 -26.10
C ILE A 102 -3.49 36.01 -26.02
N GLU A 103 -3.87 37.09 -26.68
CA GLU A 103 -5.28 37.51 -26.63
C GLU A 103 -6.18 36.55 -27.40
N THR A 104 -5.62 35.85 -28.38
CA THR A 104 -6.39 34.90 -29.17
C THR A 104 -6.42 33.50 -28.56
N THR A 105 -5.40 33.12 -27.81
CA THR A 105 -5.37 31.77 -27.22
C THR A 105 -5.37 31.76 -25.69
N GLY A 106 -5.00 32.89 -25.09
CA GLY A 106 -4.96 32.97 -23.65
C GLY A 106 -3.59 32.64 -23.13
N THR A 107 -2.73 32.19 -24.05
CA THR A 107 -1.35 31.83 -23.74
C THR A 107 -0.55 32.00 -25.01
N TYR A 108 0.59 31.34 -25.10
CA TYR A 108 1.41 31.40 -26.30
C TYR A 108 2.47 30.31 -26.29
N GLN A 109 3.04 30.07 -27.47
CA GLN A 109 4.07 29.05 -27.62
C GLN A 109 5.42 29.68 -27.94
N LEU A 110 6.45 29.19 -27.27
CA LEU A 110 7.80 29.68 -27.51
C LEU A 110 8.34 29.01 -28.76
N THR A 111 9.21 29.70 -29.48
CA THR A 111 9.82 29.12 -30.66
C THR A 111 10.88 28.19 -30.07
N LEU A 112 11.36 27.22 -30.86
CA LEU A 112 12.37 26.31 -30.35
C LEU A 112 13.60 27.03 -29.84
N ASP A 113 14.02 28.08 -30.53
CA ASP A 113 15.20 28.83 -30.11
C ASP A 113 15.01 29.52 -28.78
N GLU A 114 13.82 30.09 -28.57
CA GLU A 114 13.54 30.75 -27.31
C GLU A 114 13.57 29.71 -26.21
N LEU A 115 13.04 28.52 -26.50
CA LEU A 115 12.99 27.44 -25.52
C LEU A 115 14.41 27.11 -25.09
N ILE A 116 15.28 26.89 -26.08
CA ILE A 116 16.69 26.57 -25.82
C ILE A 116 17.29 27.70 -24.98
N PHE A 117 17.02 28.92 -25.40
CA PHE A 117 17.52 30.09 -24.69
C PHE A 117 17.03 30.06 -23.23
N ALA A 118 15.73 29.84 -23.04
CA ALA A 118 15.15 29.79 -21.71
C ALA A 118 15.80 28.74 -20.82
N THR A 119 16.00 27.54 -21.37
CA THR A 119 16.59 26.46 -20.60
C THR A 119 18.02 26.76 -20.17
N LYS A 120 18.81 27.38 -21.03
CA LYS A 120 20.18 27.72 -20.67
C LYS A 120 20.20 28.88 -19.66
N MET A 121 19.39 29.91 -19.90
CA MET A 121 19.35 31.05 -18.98
C MET A 121 18.90 30.56 -17.61
N ALA A 122 17.86 29.72 -17.59
CA ALA A 122 17.37 29.19 -16.33
C ALA A 122 18.52 28.48 -15.62
N TRP A 123 19.25 27.68 -16.38
CA TRP A 123 20.40 26.96 -15.86
C TRP A 123 21.37 27.99 -15.27
N ARG A 124 21.76 28.97 -16.08
CA ARG A 124 22.66 30.03 -15.61
C ARG A 124 22.14 30.61 -14.32
N ASN A 125 20.81 30.78 -14.24
CA ASN A 125 20.17 31.35 -13.06
C ASN A 125 19.96 30.36 -11.91
N ALA A 126 20.58 29.19 -11.98
CA ALA A 126 20.42 28.22 -10.89
C ALA A 126 21.53 28.46 -9.86
N PRO A 127 21.22 29.22 -8.79
CA PRO A 127 22.18 29.55 -7.74
C PRO A 127 22.77 28.37 -6.98
N ARG A 128 22.16 27.20 -7.11
CA ARG A 128 22.65 26.02 -6.41
C ARG A 128 23.50 25.09 -7.26
N CYS A 129 23.76 25.48 -8.50
CA CYS A 129 24.56 24.66 -9.41
C CYS A 129 26.00 25.15 -9.60
N ILE A 130 26.99 24.30 -9.27
CA ILE A 130 28.40 24.70 -9.46
C ILE A 130 28.89 24.37 -10.85
N GLY A 131 28.08 23.71 -11.66
CA GLY A 131 28.52 23.35 -12.99
C GLY A 131 28.13 24.33 -14.06
N ARG A 132 27.64 25.49 -13.65
CA ARG A 132 27.17 26.49 -14.59
C ARG A 132 28.15 27.04 -15.60
N ILE A 133 29.40 26.61 -15.58
CA ILE A 133 30.31 27.11 -16.59
C ILE A 133 29.97 26.41 -17.90
N GLN A 134 29.21 25.32 -17.79
CA GLN A 134 28.76 24.52 -18.92
C GLN A 134 27.44 25.00 -19.51
N TRP A 135 26.75 25.90 -18.81
CA TRP A 135 25.44 26.40 -19.24
C TRP A 135 25.19 26.48 -20.73
N SER A 136 26.21 26.88 -21.49
CA SER A 136 26.02 27.00 -22.92
C SER A 136 25.86 25.65 -23.63
N ASN A 137 26.56 24.63 -23.18
CA ASN A 137 26.47 23.30 -23.80
C ASN A 137 25.30 22.49 -23.24
N LEU A 138 24.14 22.61 -23.87
CA LEU A 138 22.97 21.88 -23.40
C LEU A 138 22.11 21.39 -24.54
N GLN A 139 21.77 20.11 -24.52
CA GLN A 139 20.93 19.49 -25.52
C GLN A 139 19.48 19.68 -25.08
N VAL A 140 18.63 20.11 -26.02
CA VAL A 140 17.24 20.32 -25.67
C VAL A 140 16.30 19.44 -26.50
N PHE A 141 15.62 18.53 -25.83
CA PHE A 141 14.66 17.66 -26.51
C PHE A 141 13.25 18.27 -26.36
N ASP A 142 12.72 18.74 -27.49
CA ASP A 142 11.40 19.35 -27.50
C ASP A 142 10.30 18.32 -27.54
N ALA A 143 9.61 18.14 -26.41
CA ALA A 143 8.51 17.19 -26.32
C ALA A 143 7.22 17.89 -25.84
N ARG A 144 7.05 19.16 -26.21
CA ARG A 144 5.87 19.91 -25.82
C ARG A 144 4.60 19.34 -26.45
N ASN A 145 4.77 18.55 -27.49
CA ASN A 145 3.66 17.92 -28.21
C ASN A 145 3.27 16.58 -27.56
N CYS A 146 3.99 16.19 -26.51
CA CYS A 146 3.69 14.93 -25.83
C CYS A 146 2.24 14.94 -25.34
N SER A 147 1.63 13.76 -25.26
CA SER A 147 0.25 13.70 -24.83
C SER A 147 -0.13 12.53 -23.93
N THR A 148 0.67 11.47 -23.93
CA THR A 148 0.37 10.33 -23.09
C THR A 148 1.55 9.96 -22.21
N ALA A 149 1.29 9.15 -21.18
CA ALA A 149 2.34 8.70 -20.28
C ALA A 149 3.33 7.83 -21.03
N GLN A 150 2.80 6.97 -21.91
CA GLN A 150 3.65 6.08 -22.70
C GLN A 150 4.63 6.89 -23.56
N GLU A 151 4.17 8.02 -24.06
CA GLU A 151 5.03 8.87 -24.86
C GLU A 151 6.10 9.53 -24.00
N MET A 152 5.77 9.80 -22.75
CA MET A 152 6.73 10.42 -21.85
C MET A 152 7.84 9.40 -21.65
N PHE A 153 7.44 8.19 -21.26
CA PHE A 153 8.38 7.10 -21.03
C PHE A 153 9.37 6.99 -22.18
N GLN A 154 8.87 7.06 -23.41
CA GLN A 154 9.72 6.97 -24.58
C GLN A 154 10.70 8.14 -24.60
N HIS A 155 10.18 9.34 -24.41
CA HIS A 155 11.01 10.54 -24.38
C HIS A 155 12.05 10.44 -23.28
N ILE A 156 11.64 10.01 -22.10
CA ILE A 156 12.58 9.90 -21.00
C ILE A 156 13.67 8.93 -21.39
N CYS A 157 13.28 7.73 -21.83
CA CYS A 157 14.25 6.72 -22.24
C CYS A 157 15.24 7.28 -23.24
N ARG A 158 14.75 8.02 -24.23
CA ARG A 158 15.63 8.60 -25.23
C ARG A 158 16.64 9.50 -24.52
N HIS A 159 16.14 10.37 -23.65
CA HIS A 159 16.97 11.30 -22.91
C HIS A 159 18.09 10.57 -22.18
N ILE A 160 17.72 9.63 -21.31
CA ILE A 160 18.69 8.84 -20.58
C ILE A 160 19.74 8.29 -21.54
N LEU A 161 19.29 7.61 -22.59
CA LEU A 161 20.22 7.04 -23.55
C LEU A 161 21.14 8.11 -24.14
N TYR A 162 20.57 9.24 -24.53
CA TYR A 162 21.37 10.31 -25.10
C TYR A 162 22.42 10.84 -24.13
N ALA A 163 21.96 11.21 -22.95
CA ALA A 163 22.80 11.77 -21.90
C ALA A 163 23.94 10.86 -21.45
N THR A 164 23.64 9.58 -21.29
CA THR A 164 24.61 8.59 -20.83
C THR A 164 25.75 8.41 -21.79
N ASN A 165 25.41 8.40 -23.08
CA ASN A 165 26.40 8.29 -24.15
C ASN A 165 27.54 7.30 -23.88
N ASN A 166 27.20 6.17 -23.26
CA ASN A 166 28.19 5.14 -22.96
C ASN A 166 29.29 5.62 -22.01
N GLY A 167 28.91 6.41 -21.01
CA GLY A 167 29.91 6.90 -20.06
C GLY A 167 30.40 8.30 -20.34
N ASN A 168 30.35 8.71 -21.60
CA ASN A 168 30.78 10.07 -21.98
C ASN A 168 29.58 10.99 -21.79
N ILE A 169 29.18 11.20 -20.54
CA ILE A 169 28.03 12.01 -20.18
C ILE A 169 27.87 13.35 -20.90
N ARG A 170 26.64 13.61 -21.31
CA ARG A 170 26.28 14.85 -22.01
C ARG A 170 25.07 15.42 -21.30
N SER A 171 25.09 16.74 -21.08
CA SER A 171 23.99 17.41 -20.40
C SER A 171 22.82 17.55 -21.36
N ALA A 172 21.62 17.35 -20.83
CA ALA A 172 20.43 17.47 -21.65
C ALA A 172 19.19 17.69 -20.81
N ILE A 173 18.13 18.16 -21.46
CA ILE A 173 16.85 18.40 -20.82
C ILE A 173 15.74 18.18 -21.85
N THR A 174 14.61 17.67 -21.40
CA THR A 174 13.49 17.49 -22.32
C THR A 174 12.31 18.24 -21.73
N VAL A 175 11.72 19.09 -22.55
CA VAL A 175 10.59 19.91 -22.13
C VAL A 175 9.26 19.31 -22.55
N PHE A 176 8.41 19.03 -21.58
CA PHE A 176 7.09 18.47 -21.87
C PHE A 176 6.08 19.63 -21.97
N PRO A 177 4.82 19.33 -22.33
CA PRO A 177 3.80 20.39 -22.45
C PRO A 177 3.75 21.37 -21.27
N GLN A 178 3.72 22.66 -21.58
CA GLN A 178 3.64 23.69 -20.56
C GLN A 178 2.30 23.62 -19.87
N ARG A 179 2.28 23.98 -18.59
CA ARG A 179 1.05 23.98 -17.81
C ARG A 179 0.03 24.86 -18.52
N SER A 180 -1.18 24.34 -18.70
CA SER A 180 -2.20 25.13 -19.36
C SER A 180 -3.14 25.79 -18.36
N ASP A 181 -4.03 25.02 -17.77
CA ASP A 181 -4.99 25.52 -16.82
C ASP A 181 -4.57 25.16 -15.40
N GLY A 182 -3.58 24.27 -15.30
CA GLY A 182 -3.11 23.84 -14.00
C GLY A 182 -3.74 22.52 -13.66
N LYS A 183 -4.80 22.18 -14.39
CA LYS A 183 -5.51 20.93 -14.18
C LYS A 183 -5.20 19.98 -15.35
N HIS A 184 -4.02 20.14 -15.93
CA HIS A 184 -3.56 19.32 -17.05
C HIS A 184 -2.03 19.35 -17.10
N ASP A 185 -1.40 19.09 -15.95
CA ASP A 185 0.06 19.09 -15.84
C ASP A 185 0.72 17.75 -16.08
N PHE A 186 1.88 17.79 -16.73
CA PHE A 186 2.69 16.60 -16.96
C PHE A 186 3.63 16.66 -15.75
N ARG A 187 3.86 15.52 -15.11
CA ARG A 187 4.72 15.51 -13.94
C ARG A 187 5.47 14.20 -13.73
N LEU A 188 6.78 14.29 -13.54
CA LEU A 188 7.55 13.09 -13.25
C LEU A 188 7.51 13.08 -11.73
N TRP A 189 6.90 12.04 -11.17
CA TRP A 189 6.78 11.95 -9.72
C TRP A 189 8.11 11.68 -9.02
N ASN A 190 9.05 11.08 -9.72
CA ASN A 190 10.37 10.81 -9.15
C ASN A 190 11.13 12.12 -8.93
N SER A 191 12.09 12.10 -8.02
CA SER A 191 12.91 13.28 -7.74
C SER A 191 13.96 13.36 -8.84
N GLN A 192 14.49 12.21 -9.22
CA GLN A 192 15.48 12.14 -10.29
C GLN A 192 15.20 10.94 -11.18
N LEU A 193 15.70 11.00 -12.42
CA LEU A 193 15.50 9.92 -13.37
C LEU A 193 15.91 8.56 -12.82
N ILE A 194 17.19 8.41 -12.46
CA ILE A 194 17.66 7.16 -11.90
C ILE A 194 17.91 7.35 -10.40
N ARG A 195 17.47 6.39 -9.61
CA ARG A 195 17.63 6.48 -8.16
C ARG A 195 17.26 5.13 -7.58
N TYR A 196 18.15 4.56 -6.76
CA TYR A 196 17.91 3.28 -6.14
C TYR A 196 16.80 3.37 -5.11
N ALA A 197 16.10 2.26 -4.91
CA ALA A 197 15.01 2.21 -3.95
C ALA A 197 15.46 1.79 -2.56
N GLY A 198 14.61 2.04 -1.57
CA GLY A 198 14.92 1.68 -0.20
C GLY A 198 13.77 0.89 0.41
N TYR A 199 14.07 -0.26 1.00
CA TYR A 199 13.02 -1.06 1.60
C TYR A 199 13.21 -1.27 3.09
N GLN A 200 12.10 -1.33 3.82
CA GLN A 200 12.14 -1.60 5.25
C GLN A 200 12.03 -3.11 5.38
N MET A 201 13.16 -3.80 5.56
CA MET A 201 13.13 -5.25 5.69
C MET A 201 12.29 -5.71 6.87
N PRO A 202 11.84 -6.98 6.84
CA PRO A 202 11.02 -7.57 7.89
C PRO A 202 11.79 -7.81 9.20
N ASP A 203 13.11 -7.81 9.12
CA ASP A 203 13.92 -8.00 10.32
C ASP A 203 14.16 -6.65 11.00
N GLY A 204 13.56 -5.60 10.44
CA GLY A 204 13.71 -4.28 10.99
C GLY A 204 14.77 -3.43 10.31
N THR A 205 15.70 -4.08 9.61
CA THR A 205 16.77 -3.34 8.94
C THR A 205 16.26 -2.64 7.68
N ILE A 206 17.13 -1.84 7.07
CA ILE A 206 16.79 -1.09 5.86
C ILE A 206 17.78 -1.39 4.74
N ARG A 207 17.27 -1.83 3.60
CA ARG A 207 18.12 -2.14 2.46
C ARG A 207 18.00 -1.09 1.36
N GLY A 208 19.13 -0.74 0.76
CA GLY A 208 19.16 0.25 -0.30
C GLY A 208 19.17 1.68 0.21
N ASP A 209 18.67 2.59 -0.61
CA ASP A 209 18.62 4.02 -0.28
C ASP A 209 17.58 4.36 0.78
N ALA A 210 18.04 4.45 2.03
CA ALA A 210 17.16 4.76 3.15
C ALA A 210 16.28 5.99 2.92
N ALA A 211 16.79 6.94 2.14
CA ALA A 211 16.06 8.16 1.86
C ALA A 211 14.89 7.97 0.90
N THR A 212 14.85 6.86 0.18
CA THR A 212 13.75 6.64 -0.76
C THR A 212 12.70 5.64 -0.27
N LEU A 213 12.61 5.45 1.04
CA LEU A 213 11.65 4.53 1.62
C LEU A 213 10.20 4.82 1.22
N GLU A 214 9.74 6.04 1.46
CA GLU A 214 8.36 6.37 1.12
C GLU A 214 8.06 6.19 -0.36
N PHE A 215 8.77 6.95 -1.20
CA PHE A 215 8.55 6.87 -2.63
C PHE A 215 8.58 5.43 -3.14
N THR A 216 9.43 4.60 -2.55
CA THR A 216 9.51 3.22 -2.97
C THR A 216 8.17 2.56 -2.67
N GLN A 217 7.63 2.87 -1.50
CA GLN A 217 6.34 2.32 -1.10
C GLN A 217 5.31 2.80 -2.11
N LEU A 218 5.38 4.06 -2.49
CA LEU A 218 4.44 4.61 -3.45
C LEU A 218 4.45 3.80 -4.76
N CYS A 219 5.63 3.37 -5.18
CA CYS A 219 5.74 2.59 -6.40
C CYS A 219 5.18 1.19 -6.13
N ILE A 220 5.42 0.67 -4.93
CA ILE A 220 4.93 -0.65 -4.57
C ILE A 220 3.42 -0.56 -4.63
N ASP A 221 2.87 0.48 -4.03
CA ASP A 221 1.43 0.68 -4.02
C ASP A 221 0.84 0.81 -5.42
N LEU A 222 1.63 1.29 -6.37
CA LEU A 222 1.12 1.45 -7.73
C LEU A 222 1.39 0.22 -8.60
N GLY A 223 1.66 -0.92 -7.96
CA GLY A 223 1.91 -2.14 -8.70
C GLY A 223 3.34 -2.55 -9.00
N TRP A 224 4.31 -1.66 -8.74
CA TRP A 224 5.70 -2.00 -9.00
C TRP A 224 6.09 -3.16 -8.10
N LYS A 225 6.83 -4.11 -8.66
CA LYS A 225 7.27 -5.28 -7.92
C LYS A 225 8.66 -5.08 -7.32
N PRO A 226 8.74 -5.04 -5.97
CA PRO A 226 10.01 -4.86 -5.26
C PRO A 226 10.94 -6.04 -5.48
N ARG A 227 12.23 -5.76 -5.61
CA ARG A 227 13.22 -6.79 -5.81
C ARG A 227 14.09 -6.91 -4.57
N TYR A 228 13.73 -6.13 -3.54
CA TYR A 228 14.43 -6.12 -2.26
C TYR A 228 15.93 -6.22 -2.36
N GLY A 229 16.53 -5.29 -3.10
CA GLY A 229 17.97 -5.28 -3.25
C GLY A 229 18.55 -4.02 -2.64
N ARG A 230 19.87 -3.87 -2.74
CA ARG A 230 20.54 -2.69 -2.22
C ARG A 230 20.56 -1.59 -3.26
N PHE A 231 20.54 -1.98 -4.53
CA PHE A 231 20.58 -1.01 -5.62
C PHE A 231 19.55 -1.24 -6.72
N ASP A 232 18.28 -1.36 -6.33
CA ASP A 232 17.23 -1.55 -7.32
C ASP A 232 16.82 -0.20 -7.89
N VAL A 233 17.03 0.01 -9.18
CA VAL A 233 16.65 1.28 -9.80
C VAL A 233 15.13 1.45 -9.76
N LEU A 234 14.67 2.51 -9.09
CA LEU A 234 13.24 2.77 -8.99
C LEU A 234 12.60 2.98 -10.35
N PRO A 235 11.27 2.83 -10.43
CA PRO A 235 10.56 3.00 -11.69
C PRO A 235 10.10 4.42 -11.95
N LEU A 236 9.87 4.72 -13.22
CA LEU A 236 9.37 6.02 -13.61
C LEU A 236 7.89 6.03 -13.24
N VAL A 237 7.48 7.06 -12.51
CA VAL A 237 6.08 7.22 -12.11
C VAL A 237 5.65 8.46 -12.82
N LEU A 238 5.08 8.26 -14.01
CA LEU A 238 4.67 9.34 -14.86
C LEU A 238 3.19 9.67 -14.89
N GLN A 239 2.89 10.96 -14.97
CA GLN A 239 1.52 11.41 -15.07
C GLN A 239 1.49 12.36 -16.24
N ALA A 240 0.68 12.05 -17.25
CA ALA A 240 0.58 12.88 -18.44
C ALA A 240 -0.73 13.65 -18.46
N ASP A 241 -0.73 14.80 -19.15
CA ASP A 241 -1.91 15.64 -19.25
C ASP A 241 -2.38 15.94 -17.84
N GLY A 242 -3.23 15.11 -17.28
CA GLY A 242 -3.68 15.35 -15.92
C GLY A 242 -4.02 14.06 -15.22
N GLN A 243 -4.16 12.99 -15.99
CA GLN A 243 -4.51 11.68 -15.46
C GLN A 243 -3.60 11.15 -14.37
N ASP A 244 -4.04 10.09 -13.71
CA ASP A 244 -3.26 9.47 -12.65
C ASP A 244 -1.90 9.08 -13.20
N PRO A 245 -0.93 8.81 -12.30
CA PRO A 245 0.40 8.42 -12.76
C PRO A 245 0.47 6.94 -13.12
N GLU A 246 1.19 6.65 -14.21
CA GLU A 246 1.37 5.27 -14.66
C GLU A 246 2.82 4.91 -14.35
N VAL A 247 3.05 3.65 -14.01
CA VAL A 247 4.40 3.20 -13.69
C VAL A 247 5.09 2.51 -14.85
N PHE A 248 6.39 2.76 -14.97
CA PHE A 248 7.21 2.17 -16.04
C PHE A 248 8.59 1.84 -15.49
N GLU A 249 9.03 0.59 -15.68
CA GLU A 249 10.36 0.23 -15.21
C GLU A 249 11.32 0.72 -16.28
N ILE A 250 12.51 1.12 -15.87
CA ILE A 250 13.49 1.61 -16.80
C ILE A 250 14.26 0.43 -17.38
N PRO A 251 14.37 0.35 -18.70
CA PRO A 251 15.09 -0.75 -19.32
C PRO A 251 16.53 -0.80 -18.83
N PRO A 252 16.88 -1.83 -18.04
CA PRO A 252 18.22 -2.01 -17.49
C PRO A 252 19.36 -1.70 -18.45
N ASP A 253 19.18 -2.00 -19.73
CA ASP A 253 20.23 -1.72 -20.69
C ASP A 253 20.53 -0.22 -20.79
N LEU A 254 19.66 0.58 -20.17
CA LEU A 254 19.81 2.05 -20.19
C LEU A 254 20.42 2.65 -18.95
N VAL A 255 20.49 1.88 -17.87
CA VAL A 255 21.05 2.38 -16.63
C VAL A 255 22.51 1.96 -16.45
N LEU A 256 23.44 2.82 -16.87
CA LEU A 256 24.86 2.52 -16.72
C LEU A 256 25.23 2.71 -15.25
N GLU A 257 26.09 1.84 -14.74
CA GLU A 257 26.51 1.92 -13.34
C GLU A 257 28.01 1.74 -13.21
N VAL A 258 28.57 2.22 -12.11
CA VAL A 258 29.99 2.10 -11.86
C VAL A 258 30.15 1.25 -10.62
N THR A 259 30.96 0.21 -10.72
CA THR A 259 31.20 -0.66 -9.57
C THR A 259 32.32 -0.03 -8.79
N MET A 260 32.11 0.10 -7.49
CA MET A 260 33.09 0.74 -6.66
C MET A 260 34.29 -0.11 -6.25
N GLU A 261 35.47 0.39 -6.56
CA GLU A 261 36.68 -0.30 -6.17
C GLU A 261 37.77 0.72 -5.87
N HIS A 262 38.56 0.43 -4.85
CA HIS A 262 39.64 1.29 -4.43
C HIS A 262 40.95 0.97 -5.15
N PRO A 263 41.74 2.00 -5.52
CA PRO A 263 43.01 1.80 -6.22
C PRO A 263 44.11 1.20 -5.33
N LYS A 264 43.80 0.99 -4.05
CA LYS A 264 44.79 0.43 -3.14
C LYS A 264 44.23 -0.65 -2.24
N TYR A 265 43.05 -0.43 -1.66
CA TYR A 265 42.48 -1.46 -0.79
C TYR A 265 41.65 -2.45 -1.60
N GLU A 266 42.16 -3.67 -1.74
CA GLU A 266 41.45 -4.69 -2.49
C GLU A 266 40.14 -5.10 -1.82
N TRP A 267 40.06 -4.89 -0.51
CA TRP A 267 38.85 -5.23 0.23
C TRP A 267 37.74 -4.21 0.00
N PHE A 268 38.01 -3.18 -0.79
CA PHE A 268 36.98 -2.18 -1.01
C PHE A 268 35.80 -2.75 -1.78
N GLN A 269 36.05 -3.39 -2.92
CA GLN A 269 34.96 -3.96 -3.68
C GLN A 269 34.25 -5.03 -2.90
N GLU A 270 34.88 -5.52 -1.84
CA GLU A 270 34.26 -6.53 -1.00
C GLU A 270 33.00 -5.91 -0.39
N LEU A 271 32.93 -4.60 -0.42
CA LEU A 271 31.77 -3.89 0.11
C LEU A 271 30.63 -4.02 -0.90
N GLY A 272 30.95 -4.51 -2.09
CA GLY A 272 29.96 -4.69 -3.14
C GLY A 272 29.14 -3.44 -3.41
N LEU A 273 29.83 -2.32 -3.57
CA LEU A 273 29.21 -1.03 -3.80
C LEU A 273 29.27 -0.60 -5.26
N LYS A 274 28.30 0.22 -5.66
CA LYS A 274 28.28 0.77 -7.01
C LYS A 274 27.29 1.94 -7.03
N TRP A 275 27.29 2.70 -8.11
CA TRP A 275 26.37 3.82 -8.24
C TRP A 275 26.07 4.12 -9.70
N TYR A 276 24.89 4.66 -9.98
CA TYR A 276 24.53 4.99 -11.35
C TYR A 276 25.33 6.20 -11.84
N ALA A 277 25.60 6.23 -13.13
CA ALA A 277 26.39 7.29 -13.73
C ALA A 277 25.63 8.54 -14.15
N LEU A 278 24.30 8.47 -14.13
CA LEU A 278 23.53 9.61 -14.59
C LEU A 278 22.82 10.39 -13.52
N PRO A 279 23.24 11.65 -13.31
CA PRO A 279 22.58 12.47 -12.30
C PRO A 279 21.59 13.36 -13.06
N ALA A 280 20.30 13.13 -12.83
CA ALA A 280 19.29 13.92 -13.52
C ALA A 280 18.11 14.23 -12.63
N VAL A 281 17.82 15.52 -12.46
CA VAL A 281 16.69 15.96 -11.64
C VAL A 281 15.43 15.80 -12.48
N ALA A 282 14.37 15.28 -11.85
CA ALA A 282 13.14 15.01 -12.58
C ALA A 282 11.90 15.77 -12.18
N ASN A 283 11.84 16.26 -10.94
CA ASN A 283 10.63 16.94 -10.46
C ASN A 283 10.60 18.47 -10.40
N MET A 284 11.48 19.15 -11.12
CA MET A 284 11.46 20.60 -11.04
C MET A 284 10.62 21.28 -12.13
N LEU A 285 10.35 22.56 -11.93
CA LEU A 285 9.53 23.32 -12.86
C LEU A 285 10.33 24.44 -13.52
N LEU A 286 10.12 24.60 -14.83
CA LEU A 286 10.81 25.65 -15.56
C LEU A 286 9.89 26.84 -15.77
N GLU A 287 10.28 27.98 -15.23
CA GLU A 287 9.49 29.20 -15.35
C GLU A 287 10.19 30.11 -16.35
N VAL A 288 9.46 30.54 -17.38
CA VAL A 288 10.01 31.42 -18.40
C VAL A 288 8.92 32.24 -19.08
N GLY A 289 9.15 33.55 -19.19
CA GLY A 289 8.21 34.44 -19.82
C GLY A 289 6.77 34.23 -19.39
N GLY A 290 6.56 33.95 -18.12
CA GLY A 290 5.20 33.76 -17.63
C GLY A 290 4.70 32.34 -17.77
N LEU A 291 5.35 31.57 -18.64
CA LEU A 291 4.95 30.19 -18.86
C LEU A 291 5.57 29.30 -17.81
N GLU A 292 4.91 28.18 -17.54
CA GLU A 292 5.41 27.22 -16.58
C GLU A 292 5.46 25.85 -17.21
N PHE A 293 6.51 25.10 -16.90
CA PHE A 293 6.69 23.73 -17.39
C PHE A 293 6.91 22.84 -16.17
N PRO A 294 5.83 22.24 -15.65
CA PRO A 294 5.92 21.37 -14.48
C PRO A 294 6.70 20.06 -14.70
N ALA A 295 7.14 19.81 -15.93
CA ALA A 295 7.90 18.61 -16.23
C ALA A 295 8.98 18.94 -17.27
N CYS A 296 10.23 18.90 -16.82
CA CYS A 296 11.37 19.20 -17.67
C CYS A 296 12.59 18.57 -17.01
N PRO A 297 12.68 17.25 -17.04
CA PRO A 297 13.85 16.60 -16.43
C PRO A 297 15.15 17.00 -17.09
N PHE A 298 16.18 17.27 -16.27
CA PHE A 298 17.48 17.64 -16.81
C PHE A 298 18.60 16.93 -16.09
N ASN A 299 19.73 16.84 -16.77
CA ASN A 299 20.90 16.17 -16.23
C ASN A 299 22.20 16.87 -16.61
N GLY A 300 23.20 16.62 -15.78
CA GLY A 300 24.54 17.13 -15.99
C GLY A 300 25.31 15.86 -15.71
N TRP A 301 26.44 15.95 -15.00
CA TRP A 301 27.20 14.75 -14.64
C TRP A 301 27.60 14.88 -13.20
N TYR A 302 28.12 13.81 -12.63
CA TYR A 302 28.50 13.79 -11.22
C TYR A 302 29.77 14.50 -10.77
N MET A 303 29.75 14.86 -9.49
CA MET A 303 30.89 15.46 -8.82
C MET A 303 31.15 14.44 -7.72
N GLY A 304 32.31 13.82 -7.75
CA GLY A 304 32.66 12.80 -6.77
C GLY A 304 32.02 12.84 -5.40
N THR A 305 32.23 13.95 -4.70
CA THR A 305 31.70 14.09 -3.36
C THR A 305 30.20 13.77 -3.21
N GLU A 306 29.44 13.92 -4.29
CA GLU A 306 28.01 13.64 -4.23
C GLU A 306 27.79 12.19 -3.80
N ILE A 307 28.49 11.29 -4.49
CA ILE A 307 28.40 9.88 -4.22
C ILE A 307 29.26 9.48 -3.03
N GLY A 308 30.55 9.78 -3.13
CA GLY A 308 31.48 9.43 -2.07
C GLY A 308 31.13 9.95 -0.69
N VAL A 309 30.64 11.19 -0.62
CA VAL A 309 30.33 11.80 0.67
C VAL A 309 28.86 11.75 1.08
N ARG A 310 27.98 12.25 0.21
CA ARG A 310 26.56 12.30 0.53
C ARG A 310 25.85 10.96 0.47
N ASP A 311 25.87 10.33 -0.70
CA ASP A 311 25.20 9.05 -0.89
C ASP A 311 25.75 7.94 -0.02
N PHE A 312 27.08 7.81 0.00
CA PHE A 312 27.71 6.75 0.78
C PHE A 312 27.87 7.02 2.28
N CYS A 313 28.14 8.27 2.65
CA CYS A 313 28.37 8.58 4.06
C CYS A 313 27.29 9.25 4.87
N ASP A 314 26.25 9.76 4.23
CA ASP A 314 25.16 10.36 5.00
C ASP A 314 24.55 9.29 5.90
N THR A 315 24.19 9.66 7.11
CA THR A 315 23.56 8.73 8.02
C THR A 315 22.26 8.26 7.37
N GLN A 316 21.44 9.22 6.95
CA GLN A 316 20.16 8.96 6.32
C GLN A 316 20.21 8.26 4.95
N ARG A 317 21.42 7.98 4.45
CA ARG A 317 21.54 7.29 3.16
C ARG A 317 22.20 5.91 3.35
N TYR A 318 23.21 5.57 2.54
CA TYR A 318 23.83 4.27 2.67
C TYR A 318 24.69 4.11 3.93
N ASN A 319 25.05 5.22 4.56
CA ASN A 319 25.78 5.18 5.83
C ASN A 319 26.91 4.13 5.95
N ILE A 320 27.90 4.20 5.06
CA ILE A 320 29.03 3.24 5.09
C ILE A 320 30.31 3.67 5.86
N LEU A 321 30.30 4.83 6.52
CA LEU A 321 31.50 5.31 7.23
C LEU A 321 32.10 4.38 8.28
N GLU A 322 31.26 3.95 9.21
CA GLU A 322 31.65 3.04 10.28
C GLU A 322 32.48 1.85 9.80
N GLU A 323 31.94 1.08 8.85
CA GLU A 323 32.66 -0.09 8.35
C GLU A 323 33.84 0.21 7.45
N VAL A 324 33.83 1.33 6.73
CA VAL A 324 34.99 1.63 5.91
C VAL A 324 36.10 1.97 6.91
N GLY A 325 35.68 2.50 8.05
CA GLY A 325 36.61 2.86 9.09
C GLY A 325 37.33 1.64 9.66
N ARG A 326 36.56 0.67 10.14
CA ARG A 326 37.13 -0.55 10.72
C ARG A 326 38.01 -1.24 9.69
N ARG A 327 37.56 -1.24 8.44
CA ARG A 327 38.30 -1.90 7.39
C ARG A 327 39.65 -1.23 7.18
N MET A 328 39.77 0.02 7.60
CA MET A 328 41.05 0.73 7.47
C MET A 328 41.85 0.57 8.75
N GLY A 329 41.26 -0.12 9.71
CA GLY A 329 41.92 -0.35 10.98
C GLY A 329 42.11 0.94 11.76
N LEU A 330 41.07 1.77 11.78
CA LEU A 330 41.12 3.05 12.49
C LEU A 330 40.43 2.99 13.84
N GLU A 331 40.64 4.02 14.65
CA GLU A 331 40.03 4.09 15.98
C GLU A 331 38.62 4.63 15.81
N THR A 332 37.75 3.80 15.27
CA THR A 332 36.37 4.19 15.02
C THR A 332 35.57 4.52 16.28
N HIS A 333 36.21 4.42 17.44
CA HIS A 333 35.52 4.73 18.70
C HIS A 333 36.02 6.01 19.37
N THR A 334 36.95 6.70 18.72
CA THR A 334 37.53 7.92 19.23
C THR A 334 37.39 9.04 18.19
N LEU A 335 36.35 9.86 18.33
CA LEU A 335 36.12 10.95 17.37
C LEU A 335 37.37 11.78 17.10
N ALA A 336 38.09 12.13 18.17
CA ALA A 336 39.29 12.95 18.02
C ALA A 336 40.34 12.35 17.09
N SER A 337 40.28 11.03 16.88
CA SER A 337 41.25 10.37 16.01
C SER A 337 41.12 10.86 14.57
N LEU A 338 39.95 11.41 14.25
CA LEU A 338 39.66 11.94 12.93
C LEU A 338 39.60 10.83 11.90
N TRP A 339 39.17 9.64 12.34
CA TRP A 339 39.07 8.49 11.44
C TRP A 339 38.09 8.80 10.34
N LYS A 340 37.02 9.51 10.68
CA LYS A 340 36.02 9.85 9.69
C LYS A 340 36.64 10.65 8.54
N ASP A 341 37.46 11.64 8.86
CA ASP A 341 38.09 12.43 7.80
C ASP A 341 39.00 11.52 6.97
N ARG A 342 39.54 10.48 7.59
CA ARG A 342 40.42 9.56 6.86
C ARG A 342 39.63 8.65 5.90
N ALA A 343 38.56 8.03 6.42
CA ALA A 343 37.75 7.11 5.61
C ALA A 343 37.08 7.83 4.45
N VAL A 344 36.35 8.90 4.76
CA VAL A 344 35.66 9.65 3.72
C VAL A 344 36.57 9.96 2.55
N THR A 345 37.81 10.36 2.83
CA THR A 345 38.71 10.64 1.73
C THR A 345 38.97 9.41 0.89
N GLU A 346 39.18 8.27 1.56
CA GLU A 346 39.43 7.03 0.82
C GLU A 346 38.21 6.62 0.00
N ILE A 347 37.02 6.81 0.55
CA ILE A 347 35.79 6.50 -0.17
C ILE A 347 35.74 7.40 -1.42
N ASN A 348 35.99 8.69 -1.23
CA ASN A 348 35.98 9.64 -2.33
C ASN A 348 36.94 9.20 -3.41
N VAL A 349 38.11 8.73 -3.00
CA VAL A 349 39.12 8.26 -3.95
C VAL A 349 38.57 7.05 -4.72
N ALA A 350 37.83 6.19 -4.02
CA ALA A 350 37.25 5.01 -4.64
C ALA A 350 36.32 5.44 -5.78
N VAL A 351 35.38 6.32 -5.45
CA VAL A 351 34.43 6.81 -6.43
C VAL A 351 35.14 7.44 -7.60
N LEU A 352 36.07 8.35 -7.32
CA LEU A 352 36.82 9.02 -8.38
C LEU A 352 37.55 8.02 -9.25
N HIS A 353 38.28 7.13 -8.60
CA HIS A 353 39.05 6.11 -9.29
C HIS A 353 38.15 5.23 -10.15
N SER A 354 37.07 4.73 -9.58
CA SER A 354 36.15 3.87 -10.30
C SER A 354 35.54 4.52 -11.53
N PHE A 355 35.06 5.76 -11.42
CA PHE A 355 34.47 6.42 -12.59
C PHE A 355 35.50 6.61 -13.69
N GLN A 356 36.73 6.95 -13.30
CA GLN A 356 37.78 7.16 -14.29
C GLN A 356 38.16 5.86 -14.96
N LYS A 357 38.34 4.81 -14.17
CA LYS A 357 38.72 3.52 -14.69
C LYS A 357 37.68 3.00 -15.69
N GLN A 358 36.40 3.13 -15.35
CA GLN A 358 35.35 2.67 -16.25
C GLN A 358 34.92 3.70 -17.29
N ASN A 359 35.79 4.67 -17.52
CA ASN A 359 35.55 5.72 -18.52
C ASN A 359 34.21 6.45 -18.44
N VAL A 360 33.80 6.77 -17.21
CA VAL A 360 32.54 7.48 -16.99
C VAL A 360 32.85 8.89 -16.50
N THR A 361 32.38 9.90 -17.22
CA THR A 361 32.61 11.29 -16.85
C THR A 361 32.26 11.58 -15.39
N ILE A 362 33.13 12.33 -14.75
CA ILE A 362 32.94 12.71 -13.36
C ILE A 362 33.99 13.74 -13.09
N MET A 363 33.86 14.44 -11.97
CA MET A 363 34.86 15.44 -11.64
C MET A 363 34.96 15.64 -10.14
N ASP A 364 36.19 15.85 -9.68
CA ASP A 364 36.46 16.05 -8.26
C ASP A 364 35.94 17.44 -7.87
N HIS A 365 35.77 17.67 -6.57
CA HIS A 365 35.26 18.93 -6.09
C HIS A 365 36.22 20.10 -6.18
N HIS A 366 37.52 19.82 -6.19
CA HIS A 366 38.51 20.89 -6.26
C HIS A 366 38.49 21.48 -7.65
N THR A 367 38.57 20.61 -8.65
CA THR A 367 38.53 21.04 -10.04
C THR A 367 37.20 21.74 -10.25
N ALA A 368 36.15 21.21 -9.63
CA ALA A 368 34.81 21.75 -9.74
C ALA A 368 34.74 23.19 -9.25
N SER A 369 35.29 23.46 -8.07
CA SER A 369 35.27 24.79 -7.51
C SER A 369 36.00 25.81 -8.37
N GLU A 370 37.23 25.51 -8.75
CA GLU A 370 37.98 26.44 -9.57
C GLU A 370 37.20 26.78 -10.82
N SER A 371 36.55 25.74 -11.36
CA SER A 371 35.73 25.88 -12.57
C SER A 371 34.64 26.93 -12.36
N PHE A 372 33.91 26.78 -11.26
CA PHE A 372 32.84 27.69 -10.95
C PHE A 372 33.36 29.11 -10.78
N MET A 373 34.45 29.26 -10.02
CA MET A 373 35.04 30.56 -9.79
C MET A 373 35.24 31.25 -11.13
N LYS A 374 35.77 30.51 -12.09
CA LYS A 374 35.99 31.05 -13.43
C LYS A 374 34.65 31.47 -14.01
N HIS A 375 33.65 30.62 -13.88
CA HIS A 375 32.32 30.92 -14.38
C HIS A 375 31.82 32.22 -13.79
N MET A 376 31.87 32.29 -12.45
CA MET A 376 31.42 33.44 -11.70
C MET A 376 32.07 34.74 -12.13
N GLN A 377 33.38 34.71 -12.41
CA GLN A 377 34.02 35.93 -12.84
C GLN A 377 33.58 36.27 -14.27
N ASN A 378 33.46 35.26 -15.12
CA ASN A 378 33.03 35.50 -16.50
C ASN A 378 31.65 36.11 -16.43
N GLU A 379 30.81 35.49 -15.60
CA GLU A 379 29.44 35.92 -15.44
C GLU A 379 29.35 37.38 -14.99
N TYR A 380 30.18 37.75 -14.01
CA TYR A 380 30.17 39.12 -13.51
C TYR A 380 30.64 40.13 -14.54
N ARG A 381 31.50 39.70 -15.45
CA ARG A 381 31.98 40.60 -16.49
C ARG A 381 30.93 40.75 -17.56
N ALA A 382 30.33 39.63 -17.97
CA ALA A 382 29.30 39.63 -19.01
C ALA A 382 27.98 40.27 -18.57
N ARG A 383 27.55 40.05 -17.34
CA ARG A 383 26.29 40.67 -16.93
C ARG A 383 26.21 41.27 -15.53
N GLY A 384 27.36 41.51 -14.92
CA GLY A 384 27.40 42.12 -13.61
C GLY A 384 26.74 41.36 -12.48
N GLY A 385 26.92 40.05 -12.44
CA GLY A 385 26.32 39.28 -11.38
C GLY A 385 26.23 37.80 -11.67
N CYS A 386 25.91 37.03 -10.63
CA CYS A 386 25.73 35.61 -10.73
C CYS A 386 25.09 35.11 -9.46
N PRO A 387 23.80 34.76 -9.53
CA PRO A 387 23.15 34.27 -8.32
C PRO A 387 23.86 33.02 -7.81
N ALA A 388 24.20 33.01 -6.53
CA ALA A 388 24.90 31.88 -5.97
C ALA A 388 24.50 31.55 -4.54
N ASP A 389 24.24 30.26 -4.29
CA ASP A 389 23.88 29.81 -2.95
C ASP A 389 25.16 29.18 -2.40
N TRP A 390 25.88 29.95 -1.58
CA TRP A 390 27.13 29.50 -0.98
C TRP A 390 26.95 28.16 -0.27
N ILE A 391 25.85 28.05 0.50
CA ILE A 391 25.54 26.86 1.28
C ILE A 391 25.51 25.61 0.42
N TRP A 392 25.22 25.78 -0.87
CA TRP A 392 25.19 24.63 -1.76
C TRP A 392 26.49 24.52 -2.57
N LEU A 393 27.08 25.64 -2.94
CA LEU A 393 28.29 25.60 -3.73
C LEU A 393 29.51 25.07 -3.01
N VAL A 394 29.56 25.20 -1.68
CA VAL A 394 30.70 24.68 -0.93
C VAL A 394 30.50 23.17 -0.76
N PRO A 395 31.47 22.37 -1.26
CA PRO A 395 31.45 20.91 -1.18
C PRO A 395 31.27 20.42 0.26
N PRO A 396 30.73 19.20 0.43
CA PRO A 396 30.54 18.67 1.79
C PRO A 396 31.81 18.17 2.51
N VAL A 397 32.97 18.43 1.91
CA VAL A 397 34.26 18.08 2.52
C VAL A 397 35.25 19.09 1.98
N SER A 398 36.30 19.37 2.76
CA SER A 398 37.35 20.31 2.36
C SER A 398 36.83 21.66 1.89
N GLY A 399 35.81 22.17 2.59
CA GLY A 399 35.21 23.45 2.22
C GLY A 399 36.17 24.60 1.98
N SER A 400 36.91 24.98 3.02
CA SER A 400 37.84 26.09 2.90
C SER A 400 39.01 25.78 1.99
N ILE A 401 39.26 24.50 1.71
CA ILE A 401 40.36 24.13 0.83
C ILE A 401 39.92 24.49 -0.59
N THR A 402 38.67 24.92 -0.70
CA THR A 402 38.09 25.30 -1.98
C THR A 402 38.02 26.82 -2.12
N PRO A 403 38.14 27.33 -3.34
CA PRO A 403 38.08 28.79 -3.56
C PRO A 403 36.72 29.40 -3.23
N VAL A 404 35.62 28.70 -3.56
CA VAL A 404 34.30 29.26 -3.33
C VAL A 404 33.97 29.50 -1.86
N PHE A 405 34.65 28.79 -0.98
CA PHE A 405 34.40 28.98 0.45
C PHE A 405 34.78 30.40 0.85
N HIS A 406 35.79 30.95 0.18
CA HIS A 406 36.26 32.31 0.49
C HIS A 406 35.62 33.37 -0.37
N GLN A 407 34.71 32.94 -1.24
CA GLN A 407 34.03 33.86 -2.14
C GLN A 407 32.68 34.29 -1.56
N GLU A 408 32.48 35.60 -1.40
CA GLU A 408 31.20 36.09 -0.91
C GLU A 408 30.24 36.01 -2.08
N MET A 409 29.01 35.57 -1.81
CA MET A 409 28.03 35.43 -2.88
C MET A 409 26.66 36.01 -2.55
N LEU A 410 25.95 36.40 -3.60
CA LEU A 410 24.61 36.95 -3.50
C LEU A 410 23.67 35.91 -4.10
N ASN A 411 22.59 35.61 -3.40
CA ASN A 411 21.64 34.61 -3.85
C ASN A 411 20.24 35.16 -4.07
N TYR A 412 19.90 35.41 -5.33
CA TYR A 412 18.60 35.95 -5.66
C TYR A 412 17.95 35.16 -6.81
N VAL A 413 16.63 35.22 -6.89
CA VAL A 413 15.90 34.52 -7.93
C VAL A 413 15.60 35.39 -9.15
N LEU A 414 16.15 35.00 -10.29
CA LEU A 414 15.94 35.72 -11.54
C LEU A 414 14.89 34.95 -12.33
N SER A 415 14.84 35.20 -13.63
CA SER A 415 13.92 34.51 -14.52
C SER A 415 14.49 34.56 -15.93
N PRO A 416 14.37 33.46 -16.68
CA PRO A 416 13.75 32.20 -16.26
C PRO A 416 14.43 31.53 -15.07
N PHE A 417 13.74 30.57 -14.47
CA PHE A 417 14.27 29.92 -13.29
C PHE A 417 13.73 28.48 -13.15
N TYR A 418 14.52 27.61 -12.54
CA TYR A 418 14.09 26.25 -12.31
C TYR A 418 13.65 26.22 -10.86
N TYR A 419 12.36 26.05 -10.62
CA TYR A 419 11.82 26.02 -9.27
C TYR A 419 11.58 24.61 -8.79
N TYR A 420 11.33 24.50 -7.49
CA TYR A 420 10.97 23.24 -6.89
C TYR A 420 9.45 23.31 -6.94
N GLN A 421 8.78 22.19 -6.74
CA GLN A 421 7.33 22.21 -6.71
C GLN A 421 6.85 21.23 -5.66
N ILE A 422 5.60 21.39 -5.21
CA ILE A 422 5.06 20.49 -4.19
C ILE A 422 4.99 19.06 -4.70
N GLU A 423 5.33 18.14 -3.82
CA GLU A 423 5.29 16.73 -4.17
C GLU A 423 3.88 16.40 -4.65
N PRO A 424 3.75 15.95 -5.91
CA PRO A 424 2.47 15.60 -6.51
C PRO A 424 1.54 14.75 -5.66
N TRP A 425 2.03 13.64 -5.14
CA TRP A 425 1.19 12.76 -4.32
C TRP A 425 0.49 13.48 -3.19
N LYS A 426 0.84 14.75 -2.99
CA LYS A 426 0.23 15.57 -1.94
C LYS A 426 -0.93 16.42 -2.45
N THR A 427 -0.81 16.91 -3.68
CA THR A 427 -1.86 17.76 -4.24
C THR A 427 -2.42 17.23 -5.55
N HIS A 428 -2.67 15.93 -5.59
CA HIS A 428 -3.21 15.31 -6.80
C HIS A 428 -4.49 14.57 -6.49
N ILE A 429 -5.54 14.84 -7.25
CA ILE A 429 -6.80 14.15 -7.04
C ILE A 429 -6.95 13.06 -8.09
N TRP A 430 -7.06 11.82 -7.63
CA TRP A 430 -7.17 10.68 -8.53
C TRP A 430 -8.56 10.54 -9.17
N GLN B 12 -25.09 -16.51 -21.54
CA GLN B 12 -23.62 -16.30 -21.67
C GLN B 12 -22.85 -17.56 -21.26
N TYR B 13 -22.41 -17.60 -20.01
CA TYR B 13 -21.66 -18.74 -19.47
C TYR B 13 -21.68 -18.69 -17.94
N VAL B 14 -21.32 -19.80 -17.29
CA VAL B 14 -21.27 -19.82 -15.84
C VAL B 14 -19.81 -19.90 -15.43
N ARG B 15 -19.46 -19.14 -14.41
CA ARG B 15 -18.10 -19.06 -13.90
C ARG B 15 -17.86 -20.11 -12.82
N ILE B 16 -16.77 -20.87 -12.99
CA ILE B 16 -16.38 -21.93 -12.06
C ILE B 16 -14.96 -21.69 -11.55
N LYS B 17 -14.75 -21.85 -10.25
CA LYS B 17 -13.42 -21.62 -9.67
C LYS B 17 -12.82 -22.86 -9.01
N ASN B 18 -11.51 -23.02 -9.14
CA ASN B 18 -10.79 -24.12 -8.52
C ASN B 18 -10.01 -23.52 -7.38
N TRP B 19 -10.58 -23.60 -6.17
CA TRP B 19 -9.96 -23.02 -5.01
C TRP B 19 -8.57 -23.51 -4.64
N GLY B 20 -8.11 -24.54 -5.33
CA GLY B 20 -6.79 -25.05 -5.05
C GLY B 20 -5.74 -24.30 -5.85
N SER B 21 -6.04 -24.08 -7.13
CA SER B 21 -5.13 -23.40 -8.04
C SER B 21 -5.59 -22.00 -8.40
N GLY B 22 -6.73 -21.58 -7.87
CA GLY B 22 -7.24 -20.26 -8.17
C GLY B 22 -7.71 -20.10 -9.60
N GLU B 23 -7.55 -21.14 -10.42
CA GLU B 23 -7.95 -21.11 -11.82
C GLU B 23 -9.45 -20.96 -12.02
N ILE B 24 -9.84 -20.22 -13.05
CA ILE B 24 -11.25 -20.02 -13.38
C ILE B 24 -11.59 -20.62 -14.73
N LEU B 25 -12.81 -21.13 -14.86
CA LEU B 25 -13.28 -21.71 -16.10
C LEU B 25 -14.65 -21.11 -16.42
N HIS B 26 -14.98 -21.11 -17.70
CA HIS B 26 -16.25 -20.56 -18.15
C HIS B 26 -17.04 -21.67 -18.83
N ASP B 27 -18.07 -22.18 -18.16
CA ASP B 27 -18.87 -23.25 -18.75
C ASP B 27 -19.93 -22.70 -19.69
N THR B 28 -19.90 -23.17 -20.93
CA THR B 28 -20.87 -22.75 -21.92
C THR B 28 -21.66 -23.97 -22.36
N LEU B 29 -21.07 -25.14 -22.15
CA LEU B 29 -21.70 -26.40 -22.54
C LEU B 29 -23.05 -26.63 -21.88
N HIS B 30 -23.17 -26.20 -20.62
CA HIS B 30 -24.42 -26.38 -19.87
C HIS B 30 -25.66 -25.90 -20.63
N HIS B 31 -25.46 -25.02 -21.61
CA HIS B 31 -26.59 -24.55 -22.39
C HIS B 31 -27.26 -25.69 -23.16
N LYS B 32 -26.45 -26.66 -23.60
CA LYS B 32 -26.98 -27.79 -24.36
C LYS B 32 -27.79 -28.71 -23.46
N ALA B 33 -27.89 -28.36 -22.18
CA ALA B 33 -28.62 -29.17 -21.22
C ALA B 33 -29.99 -29.63 -21.69
N THR B 34 -30.43 -30.75 -21.14
CA THR B 34 -31.72 -31.33 -21.48
C THR B 34 -32.87 -30.47 -20.99
N CYS B 44 -27.40 -27.39 -12.50
CA CYS B 44 -27.67 -26.73 -11.18
C CYS B 44 -26.36 -26.39 -10.47
N LEU B 45 -26.38 -25.28 -9.72
CA LEU B 45 -25.22 -24.83 -8.97
C LEU B 45 -25.07 -25.74 -7.75
N GLY B 46 -24.42 -26.88 -7.94
CA GLY B 46 -24.24 -27.81 -6.84
C GLY B 46 -23.06 -27.51 -5.93
N SER B 47 -21.86 -27.56 -6.49
CA SER B 47 -20.66 -27.32 -5.72
C SER B 47 -20.09 -25.89 -5.78
N ILE B 48 -20.96 -24.89 -5.86
CA ILE B 48 -20.48 -23.50 -5.90
C ILE B 48 -20.39 -23.00 -4.45
N MET B 49 -19.23 -22.45 -4.09
CA MET B 49 -19.01 -21.95 -2.75
C MET B 49 -19.83 -20.71 -2.37
N ASN B 50 -19.70 -19.65 -3.16
CA ASN B 50 -20.40 -18.40 -2.90
C ASN B 50 -21.43 -18.03 -3.96
N PRO B 51 -22.48 -18.84 -4.12
CA PRO B 51 -23.49 -18.53 -5.12
C PRO B 51 -24.33 -17.31 -4.68
N LYS B 52 -24.97 -16.65 -5.63
CA LYS B 52 -25.78 -15.48 -5.31
C LYS B 52 -26.95 -15.83 -4.41
N SER B 53 -27.55 -16.99 -4.62
CA SER B 53 -28.67 -17.38 -3.79
C SER B 53 -28.31 -17.33 -2.32
N LEU B 54 -27.02 -17.45 -2.01
CA LEU B 54 -26.55 -17.43 -0.62
C LEU B 54 -25.90 -16.11 -0.20
N THR B 55 -26.03 -15.08 -1.02
CA THR B 55 -25.46 -13.78 -0.71
C THR B 55 -26.54 -12.70 -0.59
N ARG B 56 -26.30 -11.74 0.29
CA ARG B 56 -27.23 -10.62 0.49
C ARG B 56 -26.34 -9.38 0.39
N GLY B 57 -26.27 -8.82 -0.81
CA GLY B 57 -25.42 -7.68 -1.09
C GLY B 57 -25.81 -6.32 -0.52
N PRO B 58 -25.11 -5.24 -0.95
CA PRO B 58 -25.32 -3.86 -0.52
C PRO B 58 -26.70 -3.31 -0.83
N ARG B 59 -26.92 -2.06 -0.47
CA ARG B 59 -28.18 -1.37 -0.69
C ARG B 59 -27.90 0.13 -0.86
N ASP B 60 -28.87 0.85 -1.39
CA ASP B 60 -28.75 2.30 -1.61
C ASP B 60 -29.89 3.04 -0.93
N LYS B 61 -30.99 2.34 -0.77
CA LYS B 61 -32.17 2.91 -0.14
C LYS B 61 -32.75 1.87 0.79
N PRO B 62 -33.62 2.30 1.71
CA PRO B 62 -34.24 1.38 2.65
C PRO B 62 -35.03 0.30 1.90
N THR B 63 -35.05 -0.91 2.43
CA THR B 63 -35.79 -1.97 1.77
C THR B 63 -37.25 -1.49 1.63
N PRO B 64 -37.78 -1.52 0.40
CA PRO B 64 -39.16 -1.09 0.15
C PRO B 64 -40.20 -1.72 1.08
N LEU B 65 -41.19 -0.91 1.45
CA LEU B 65 -42.27 -1.29 2.36
C LEU B 65 -43.03 -2.57 2.00
N GLU B 66 -43.54 -2.65 0.77
CA GLU B 66 -44.30 -3.81 0.34
C GLU B 66 -43.51 -5.11 0.37
N GLU B 67 -42.19 -4.99 0.46
CA GLU B 67 -41.33 -6.15 0.52
C GLU B 67 -41.06 -6.50 1.99
N LEU B 68 -40.86 -5.47 2.80
CA LEU B 68 -40.58 -5.60 4.23
C LEU B 68 -41.78 -5.99 5.11
N LEU B 69 -42.93 -5.36 4.86
CA LEU B 69 -44.12 -5.64 5.66
C LEU B 69 -44.47 -7.12 5.72
N PRO B 70 -44.55 -7.79 4.56
CA PRO B 70 -44.89 -9.23 4.54
C PRO B 70 -43.89 -10.08 5.32
N HIS B 71 -42.60 -9.83 5.11
CA HIS B 71 -41.57 -10.58 5.81
C HIS B 71 -41.70 -10.38 7.33
N ALA B 72 -41.82 -9.13 7.75
CA ALA B 72 -41.95 -8.80 9.17
C ALA B 72 -43.13 -9.54 9.83
N ILE B 73 -44.29 -9.52 9.18
CA ILE B 73 -45.45 -10.18 9.73
C ILE B 73 -45.13 -11.67 9.85
N GLU B 74 -44.51 -12.20 8.81
CA GLU B 74 -44.12 -13.60 8.76
C GLU B 74 -43.29 -13.99 9.97
N PHE B 75 -42.23 -13.22 10.22
CA PHE B 75 -41.36 -13.49 11.36
C PHE B 75 -42.12 -13.47 12.68
N ILE B 76 -42.92 -12.43 12.88
CA ILE B 76 -43.69 -12.33 14.09
C ILE B 76 -44.66 -13.49 14.26
N ASN B 77 -45.26 -13.96 13.18
CA ASN B 77 -46.17 -15.10 13.28
C ASN B 77 -45.39 -16.33 13.72
N GLN B 78 -44.20 -16.46 13.17
CA GLN B 78 -43.30 -17.57 13.46
C GLN B 78 -42.82 -17.47 14.90
N TYR B 79 -42.43 -16.28 15.32
CA TYR B 79 -41.96 -16.06 16.67
C TYR B 79 -43.02 -16.46 17.69
N TYR B 80 -44.22 -15.91 17.55
CA TYR B 80 -45.31 -16.21 18.47
C TYR B 80 -45.80 -17.65 18.36
N GLY B 81 -45.59 -18.27 17.21
CA GLY B 81 -46.02 -19.64 17.06
C GLY B 81 -45.05 -20.62 17.70
N SER B 82 -43.88 -20.13 18.11
CA SER B 82 -42.87 -20.99 18.70
C SER B 82 -43.11 -21.43 20.14
N PHE B 83 -43.67 -20.56 20.98
CA PHE B 83 -43.89 -21.01 22.35
C PHE B 83 -45.23 -21.68 22.59
N LYS B 84 -45.21 -22.77 23.33
CA LYS B 84 -46.44 -23.49 23.65
C LYS B 84 -47.33 -22.52 24.41
N GLU B 85 -48.62 -22.81 24.47
CA GLU B 85 -49.54 -21.93 25.15
C GLU B 85 -49.34 -20.54 24.57
N ALA B 86 -49.80 -20.38 23.34
CA ALA B 86 -49.68 -19.11 22.65
C ALA B 86 -50.24 -17.95 23.46
N LYS B 87 -49.74 -16.77 23.17
CA LYS B 87 -50.20 -15.53 23.80
C LYS B 87 -50.85 -14.76 22.65
N ILE B 88 -52.03 -15.23 22.27
CA ILE B 88 -52.80 -14.66 21.17
C ILE B 88 -52.94 -13.15 21.22
N GLU B 89 -53.34 -12.63 22.38
CA GLU B 89 -53.52 -11.19 22.55
C GLU B 89 -52.24 -10.43 22.23
N GLU B 90 -51.12 -10.90 22.77
CA GLU B 90 -49.83 -10.28 22.55
C GLU B 90 -49.38 -10.40 21.10
N HIS B 91 -49.70 -11.53 20.49
CA HIS B 91 -49.35 -11.77 19.10
C HIS B 91 -50.03 -10.70 18.24
N LEU B 92 -51.36 -10.66 18.29
CA LEU B 92 -52.13 -9.68 17.52
C LEU B 92 -51.65 -8.26 17.83
N ALA B 93 -51.50 -7.97 19.11
CA ALA B 93 -51.04 -6.65 19.52
C ALA B 93 -49.72 -6.32 18.83
N ARG B 94 -48.78 -7.27 18.91
CA ARG B 94 -47.46 -7.09 18.32
C ARG B 94 -47.60 -6.98 16.80
N LEU B 95 -48.41 -7.85 16.21
CA LEU B 95 -48.62 -7.81 14.77
C LEU B 95 -49.03 -6.40 14.38
N GLU B 96 -50.13 -5.94 14.96
CA GLU B 96 -50.62 -4.60 14.67
C GLU B 96 -49.55 -3.53 14.92
N ALA B 97 -48.92 -3.60 16.09
CA ALA B 97 -47.88 -2.64 16.47
C ALA B 97 -46.77 -2.55 15.42
N VAL B 98 -46.18 -3.71 15.10
CA VAL B 98 -45.10 -3.78 14.11
C VAL B 98 -45.53 -3.24 12.74
N THR B 99 -46.79 -3.49 12.38
CA THR B 99 -47.30 -3.03 11.11
C THR B 99 -47.30 -1.50 11.07
N LYS B 100 -47.86 -0.89 12.10
CA LYS B 100 -47.92 0.57 12.19
C LYS B 100 -46.53 1.17 12.20
N GLU B 101 -45.63 0.54 12.95
CA GLU B 101 -44.27 1.03 13.03
C GLU B 101 -43.61 1.08 11.66
N ILE B 102 -43.82 0.02 10.88
CA ILE B 102 -43.24 -0.06 9.55
C ILE B 102 -43.86 0.96 8.59
N GLU B 103 -45.19 1.01 8.58
CA GLU B 103 -45.92 1.93 7.71
C GLU B 103 -45.67 3.41 8.04
N THR B 104 -45.38 3.71 9.31
CA THR B 104 -45.14 5.09 9.69
C THR B 104 -43.66 5.47 9.66
N THR B 105 -42.79 4.57 10.15
CA THR B 105 -41.35 4.85 10.19
C THR B 105 -40.57 4.30 9.01
N GLY B 106 -41.13 3.30 8.35
CA GLY B 106 -40.44 2.71 7.21
C GLY B 106 -39.73 1.41 7.57
N THR B 107 -39.40 1.26 8.84
CA THR B 107 -38.73 0.07 9.32
C THR B 107 -39.27 -0.28 10.70
N TYR B 108 -38.55 -1.10 11.44
CA TYR B 108 -38.98 -1.44 12.77
C TYR B 108 -37.88 -2.07 13.60
N GLN B 109 -38.10 -2.09 14.91
CA GLN B 109 -37.15 -2.65 15.86
C GLN B 109 -37.68 -3.94 16.45
N LEU B 110 -36.78 -4.91 16.61
CA LEU B 110 -37.11 -6.20 17.20
C LEU B 110 -36.97 -6.12 18.72
N THR B 111 -37.72 -6.94 19.44
CA THR B 111 -37.58 -6.94 20.90
C THR B 111 -36.33 -7.77 21.16
N LEU B 112 -35.75 -7.65 22.35
CA LEU B 112 -34.56 -8.44 22.66
C LEU B 112 -34.90 -9.91 22.46
N ASP B 113 -36.08 -10.30 22.91
CA ASP B 113 -36.51 -11.69 22.81
C ASP B 113 -36.69 -12.18 21.37
N GLU B 114 -37.23 -11.33 20.51
CA GLU B 114 -37.41 -11.72 19.11
C GLU B 114 -36.03 -11.93 18.48
N LEU B 115 -35.09 -11.05 18.81
CA LEU B 115 -33.73 -11.15 18.29
C LEU B 115 -33.08 -12.47 18.73
N ILE B 116 -33.11 -12.75 20.03
CA ILE B 116 -32.53 -13.99 20.56
C ILE B 116 -33.08 -15.15 19.74
N PHE B 117 -34.40 -15.16 19.59
CA PHE B 117 -35.07 -16.21 18.85
C PHE B 117 -34.62 -16.26 17.39
N ALA B 118 -34.48 -15.09 16.78
CA ALA B 118 -34.06 -14.99 15.39
C ALA B 118 -32.68 -15.62 15.18
N THR B 119 -31.72 -15.27 16.04
CA THR B 119 -30.36 -15.78 15.91
C THR B 119 -30.27 -17.31 15.99
N LYS B 120 -31.00 -17.89 16.93
CA LYS B 120 -30.98 -19.34 17.10
C LYS B 120 -31.67 -20.01 15.90
N MET B 121 -32.70 -19.37 15.40
CA MET B 121 -33.42 -19.92 14.25
C MET B 121 -32.52 -19.82 13.02
N ALA B 122 -31.85 -18.68 12.86
CA ALA B 122 -30.95 -18.47 11.75
C ALA B 122 -29.90 -19.57 11.79
N TRP B 123 -29.38 -19.83 12.97
CA TRP B 123 -28.39 -20.85 13.14
C TRP B 123 -29.06 -22.18 12.81
N ARG B 124 -30.23 -22.39 13.40
CA ARG B 124 -30.99 -23.62 13.18
C ARG B 124 -31.18 -23.88 11.69
N ASN B 125 -31.24 -22.79 10.91
CA ASN B 125 -31.43 -22.86 9.46
C ASN B 125 -30.16 -22.78 8.64
N ALA B 126 -28.98 -22.82 9.25
CA ALA B 126 -27.75 -22.74 8.45
C ALA B 126 -27.47 -24.13 7.86
N PRO B 127 -27.83 -24.33 6.58
CA PRO B 127 -27.59 -25.66 6.00
C PRO B 127 -26.16 -26.16 5.92
N ARG B 128 -25.17 -25.31 6.18
CA ARG B 128 -23.80 -25.77 6.07
C ARG B 128 -23.10 -26.05 7.40
N CYS B 129 -23.89 -26.16 8.47
CA CYS B 129 -23.37 -26.40 9.83
C CYS B 129 -23.76 -27.76 10.42
N ILE B 130 -22.78 -28.64 10.70
CA ILE B 130 -23.10 -29.96 11.27
C ILE B 130 -23.31 -29.88 12.78
N GLY B 131 -23.04 -28.73 13.38
CA GLY B 131 -23.20 -28.63 14.82
C GLY B 131 -24.53 -28.07 15.27
N ARG B 132 -25.50 -28.00 14.38
CA ARG B 132 -26.80 -27.43 14.72
C ARG B 132 -27.55 -28.08 15.88
N ILE B 133 -27.10 -29.23 16.37
CA ILE B 133 -27.81 -29.82 17.50
C ILE B 133 -27.75 -28.88 18.70
N GLN B 134 -26.81 -27.93 18.67
CA GLN B 134 -26.62 -26.95 19.74
C GLN B 134 -27.39 -25.66 19.48
N TRP B 135 -28.06 -25.56 18.34
CA TRP B 135 -28.80 -24.37 17.94
C TRP B 135 -29.52 -23.61 19.06
N SER B 136 -30.04 -24.32 20.06
CA SER B 136 -30.76 -23.64 21.13
C SER B 136 -29.88 -23.20 22.29
N ASN B 137 -28.56 -23.29 22.11
CA ASN B 137 -27.61 -22.92 23.14
C ASN B 137 -26.72 -21.80 22.62
N LEU B 138 -27.22 -20.57 22.67
CA LEU B 138 -26.46 -19.45 22.16
C LEU B 138 -26.55 -18.19 22.98
N GLN B 139 -25.40 -17.68 23.38
CA GLN B 139 -25.32 -16.45 24.15
C GLN B 139 -25.48 -15.35 23.11
N VAL B 140 -26.38 -14.41 23.39
CA VAL B 140 -26.64 -13.30 22.48
C VAL B 140 -26.21 -11.96 23.08
N PHE B 141 -25.28 -11.29 22.41
CA PHE B 141 -24.82 -9.97 22.88
C PHE B 141 -25.46 -8.90 22.01
N ASP B 142 -26.42 -8.19 22.60
CA ASP B 142 -27.14 -7.13 21.92
C ASP B 142 -26.36 -5.82 21.92
N ALA B 143 -25.67 -5.54 20.82
CA ALA B 143 -24.90 -4.31 20.68
C ALA B 143 -25.56 -3.43 19.60
N ARG B 144 -26.89 -3.49 19.53
CA ARG B 144 -27.63 -2.71 18.55
C ARG B 144 -27.53 -1.20 18.75
N ASN B 145 -27.23 -0.78 19.97
CA ASN B 145 -27.11 0.64 20.25
C ASN B 145 -25.70 1.14 20.01
N CYS B 146 -24.81 0.23 19.62
CA CYS B 146 -23.42 0.58 19.34
C CYS B 146 -23.39 1.68 18.30
N SER B 147 -22.30 2.43 18.22
CA SER B 147 -22.22 3.51 17.25
C SER B 147 -20.83 3.85 16.73
N THR B 148 -19.79 3.36 17.39
CA THR B 148 -18.43 3.65 16.91
C THR B 148 -17.55 2.41 16.81
N ALA B 149 -16.51 2.51 16.00
CA ALA B 149 -15.57 1.41 15.81
C ALA B 149 -14.98 1.00 17.16
N GLN B 150 -14.64 1.99 17.98
CA GLN B 150 -14.08 1.75 19.31
C GLN B 150 -15.04 0.88 20.10
N GLU B 151 -16.32 1.20 20.00
CA GLU B 151 -17.35 0.45 20.68
C GLU B 151 -17.44 -0.97 20.13
N MET B 152 -17.39 -1.09 18.80
CA MET B 152 -17.46 -2.40 18.17
C MET B 152 -16.33 -3.27 18.68
N PHE B 153 -15.13 -2.70 18.63
CA PHE B 153 -13.93 -3.39 19.08
C PHE B 153 -14.05 -3.85 20.52
N GLN B 154 -14.76 -3.08 21.33
CA GLN B 154 -14.96 -3.43 22.73
C GLN B 154 -15.95 -4.59 22.83
N HIS B 155 -17.03 -4.51 22.06
CA HIS B 155 -18.04 -5.55 22.05
C HIS B 155 -17.44 -6.85 21.55
N ILE B 156 -16.58 -6.72 20.54
CA ILE B 156 -15.95 -7.90 19.97
C ILE B 156 -15.02 -8.53 21.01
N CYS B 157 -14.27 -7.71 21.74
CA CYS B 157 -13.37 -8.23 22.76
C CYS B 157 -14.15 -8.98 23.82
N ARG B 158 -15.26 -8.40 24.26
CA ARG B 158 -16.10 -9.05 25.26
C ARG B 158 -16.51 -10.43 24.73
N HIS B 159 -16.91 -10.45 23.47
CA HIS B 159 -17.36 -11.68 22.82
C HIS B 159 -16.25 -12.74 22.84
N ILE B 160 -15.10 -12.41 22.27
CA ILE B 160 -13.99 -13.33 22.23
C ILE B 160 -13.72 -13.90 23.63
N LEU B 161 -13.68 -13.01 24.62
CA LEU B 161 -13.42 -13.39 26.00
C LEU B 161 -14.47 -14.34 26.54
N TYR B 162 -15.74 -13.98 26.39
CA TYR B 162 -16.83 -14.81 26.86
C TYR B 162 -16.80 -16.20 26.21
N ALA B 163 -16.66 -16.20 24.89
CA ALA B 163 -16.65 -17.42 24.10
C ALA B 163 -15.47 -18.34 24.37
N THR B 164 -14.28 -17.77 24.52
CA THR B 164 -13.09 -18.57 24.77
C THR B 164 -13.20 -19.27 26.11
N ASN B 165 -13.70 -18.54 27.09
CA ASN B 165 -13.91 -19.05 28.43
C ASN B 165 -12.83 -20.01 28.93
N ASN B 166 -11.58 -19.62 28.71
CA ASN B 166 -10.44 -20.41 29.17
C ASN B 166 -10.33 -21.81 28.56
N GLY B 167 -10.89 -21.99 27.36
CA GLY B 167 -10.80 -23.31 26.74
C GLY B 167 -12.12 -24.06 26.75
N ASN B 168 -13.01 -23.72 27.67
CA ASN B 168 -14.32 -24.37 27.71
C ASN B 168 -15.14 -23.47 26.78
N ILE B 169 -15.00 -23.70 25.48
CA ILE B 169 -15.68 -22.88 24.47
C ILE B 169 -17.18 -22.75 24.61
N ARG B 170 -17.67 -21.53 24.39
CA ARG B 170 -19.10 -21.25 24.48
C ARG B 170 -19.54 -20.52 23.21
N SER B 171 -20.69 -20.91 22.69
CA SER B 171 -21.24 -20.32 21.46
C SER B 171 -21.85 -18.98 21.77
N ALA B 172 -21.53 -17.98 20.96
CA ALA B 172 -22.09 -16.66 21.17
C ALA B 172 -22.14 -15.86 19.88
N ILE B 173 -23.00 -14.85 19.87
CA ILE B 173 -23.13 -13.99 18.71
C ILE B 173 -23.32 -12.58 19.22
N THR B 174 -22.80 -11.62 18.45
CA THR B 174 -22.93 -10.22 18.82
C THR B 174 -23.61 -9.49 17.67
N VAL B 175 -24.80 -8.97 17.94
CA VAL B 175 -25.60 -8.27 16.95
C VAL B 175 -25.39 -6.76 17.00
N PHE B 176 -24.93 -6.19 15.90
CA PHE B 176 -24.71 -4.76 15.82
C PHE B 176 -25.92 -4.10 15.13
N PRO B 177 -25.98 -2.76 15.11
CA PRO B 177 -27.11 -2.08 14.47
C PRO B 177 -27.54 -2.64 13.10
N GLN B 178 -28.83 -2.89 12.96
CA GLN B 178 -29.42 -3.40 11.73
C GLN B 178 -29.28 -2.39 10.63
N ARG B 179 -29.18 -2.87 9.40
CA ARG B 179 -29.05 -1.99 8.23
C ARG B 179 -30.24 -1.05 8.11
N SER B 180 -29.98 0.20 7.75
CA SER B 180 -31.04 1.17 7.60
C SER B 180 -31.23 1.59 6.15
N ASP B 181 -30.32 2.42 5.66
CA ASP B 181 -30.40 2.91 4.29
C ASP B 181 -29.32 2.29 3.41
N GLY B 182 -28.50 1.41 3.99
CA GLY B 182 -27.45 0.79 3.22
C GLY B 182 -26.19 1.64 3.18
N LYS B 183 -26.35 2.94 3.44
CA LYS B 183 -25.21 3.85 3.42
C LYS B 183 -24.58 3.99 4.80
N HIS B 184 -25.19 3.30 5.77
CA HIS B 184 -24.67 3.35 7.15
C HIS B 184 -24.55 1.93 7.73
N ASP B 185 -23.93 1.02 6.98
CA ASP B 185 -23.75 -0.36 7.43
C ASP B 185 -22.60 -0.58 8.42
N PHE B 186 -22.85 -1.41 9.41
CA PHE B 186 -21.80 -1.77 10.36
C PHE B 186 -21.22 -3.03 9.73
N ARG B 187 -19.90 -3.06 9.54
CA ARG B 187 -19.28 -4.21 8.94
C ARG B 187 -17.94 -4.55 9.55
N LEU B 188 -17.67 -5.85 9.69
CA LEU B 188 -16.39 -6.32 10.20
C LEU B 188 -15.71 -6.80 8.93
N TRP B 189 -14.61 -6.17 8.55
CA TRP B 189 -13.94 -6.57 7.33
C TRP B 189 -13.27 -7.94 7.37
N ASN B 190 -12.95 -8.44 8.56
CA ASN B 190 -12.31 -9.75 8.64
C ASN B 190 -13.33 -10.85 8.34
N SER B 191 -12.84 -12.02 7.92
CA SER B 191 -13.72 -13.13 7.62
C SER B 191 -14.14 -13.76 8.94
N GLN B 192 -13.18 -13.88 9.85
CA GLN B 192 -13.42 -14.42 11.18
C GLN B 192 -12.70 -13.57 12.21
N LEU B 193 -13.14 -13.66 13.47
CA LEU B 193 -12.54 -12.89 14.55
C LEU B 193 -11.05 -13.11 14.68
N ILE B 194 -10.63 -14.37 14.79
CA ILE B 194 -9.21 -14.70 14.89
C ILE B 194 -8.78 -15.47 13.65
N ARG B 195 -7.71 -15.02 13.01
CA ARG B 195 -7.18 -15.65 11.82
C ARG B 195 -5.73 -15.21 11.68
N TYR B 196 -4.89 -16.08 11.13
CA TYR B 196 -3.49 -15.74 10.97
C TYR B 196 -3.21 -15.06 9.64
N ALA B 197 -2.20 -14.20 9.64
CA ALA B 197 -1.83 -13.48 8.44
C ALA B 197 -0.93 -14.28 7.55
N GLY B 198 -0.84 -13.84 6.30
CA GLY B 198 0.01 -14.49 5.33
C GLY B 198 0.85 -13.36 4.76
N TYR B 199 2.08 -13.67 4.35
CA TYR B 199 2.93 -12.64 3.78
C TYR B 199 3.72 -13.23 2.64
N GLN B 200 3.94 -12.42 1.60
CA GLN B 200 4.75 -12.86 0.47
C GLN B 200 6.14 -12.34 0.77
N MET B 201 6.98 -13.21 1.31
CA MET B 201 8.34 -12.82 1.66
C MET B 201 9.12 -12.29 0.46
N PRO B 202 10.17 -11.51 0.74
CA PRO B 202 10.99 -10.95 -0.34
C PRO B 202 11.64 -12.03 -1.19
N ASP B 203 12.06 -13.13 -0.56
CA ASP B 203 12.69 -14.22 -1.29
C ASP B 203 11.69 -15.01 -2.14
N GLY B 204 10.47 -14.47 -2.27
CA GLY B 204 9.45 -15.12 -3.07
C GLY B 204 8.58 -16.15 -2.37
N THR B 205 9.05 -16.70 -1.26
CA THR B 205 8.26 -17.70 -0.54
C THR B 205 7.08 -17.05 0.17
N ILE B 206 6.09 -17.87 0.52
CA ILE B 206 4.92 -17.38 1.24
C ILE B 206 5.01 -17.84 2.67
N ARG B 207 4.71 -16.96 3.61
CA ARG B 207 4.78 -17.31 5.02
C ARG B 207 3.43 -17.13 5.69
N GLY B 208 3.10 -18.06 6.58
CA GLY B 208 1.83 -18.01 7.29
C GLY B 208 0.70 -18.59 6.46
N ASP B 209 -0.50 -18.04 6.64
CA ASP B 209 -1.67 -18.51 5.92
C ASP B 209 -1.82 -17.91 4.52
N ALA B 210 -1.44 -18.68 3.51
CA ALA B 210 -1.50 -18.25 2.12
C ALA B 210 -2.87 -17.75 1.69
N ALA B 211 -3.93 -18.24 2.33
CA ALA B 211 -5.27 -17.83 1.95
C ALA B 211 -5.59 -16.40 2.37
N THR B 212 -4.77 -15.83 3.24
CA THR B 212 -5.01 -14.48 3.73
C THR B 212 -3.99 -13.44 3.26
N LEU B 213 -3.47 -13.60 2.05
CA LEU B 213 -2.49 -12.65 1.53
C LEU B 213 -3.09 -11.27 1.25
N GLU B 214 -4.13 -11.22 0.42
CA GLU B 214 -4.74 -9.95 0.09
C GLU B 214 -5.18 -9.17 1.32
N PHE B 215 -5.93 -9.84 2.19
CA PHE B 215 -6.42 -9.20 3.40
C PHE B 215 -5.28 -8.71 4.28
N THR B 216 -4.22 -9.51 4.41
CA THR B 216 -3.10 -9.11 5.24
C THR B 216 -2.53 -7.83 4.67
N GLN B 217 -2.50 -7.74 3.34
CA GLN B 217 -2.00 -6.56 2.68
C GLN B 217 -2.92 -5.39 3.02
N LEU B 218 -4.22 -5.60 2.93
CA LEU B 218 -5.18 -4.56 3.23
C LEU B 218 -4.95 -3.97 4.62
N CYS B 219 -4.55 -4.82 5.57
CA CYS B 219 -4.29 -4.36 6.93
C CYS B 219 -3.01 -3.53 6.92
N ILE B 220 -2.02 -4.01 6.16
CA ILE B 220 -0.75 -3.31 6.04
C ILE B 220 -1.05 -1.93 5.48
N ASP B 221 -1.88 -1.89 4.44
CA ASP B 221 -2.26 -0.65 3.79
C ASP B 221 -3.01 0.29 4.72
N LEU B 222 -3.69 -0.26 5.72
CA LEU B 222 -4.44 0.57 6.65
C LEU B 222 -3.64 0.90 7.91
N GLY B 223 -2.31 0.71 7.83
CA GLY B 223 -1.44 1.05 8.95
C GLY B 223 -1.07 -0.02 9.95
N TRP B 224 -1.35 -1.28 9.63
CA TRP B 224 -1.04 -2.37 10.55
C TRP B 224 0.42 -2.79 10.41
N LYS B 225 1.13 -2.89 11.53
CA LYS B 225 2.53 -3.27 11.48
C LYS B 225 2.68 -4.79 11.42
N PRO B 226 3.13 -5.32 10.27
CA PRO B 226 3.33 -6.76 10.07
C PRO B 226 4.47 -7.34 10.91
N ARG B 227 4.23 -8.46 11.59
CA ARG B 227 5.27 -9.08 12.39
C ARG B 227 6.01 -10.14 11.58
N TYR B 228 5.56 -10.35 10.34
CA TYR B 228 6.16 -11.33 9.44
C TYR B 228 6.42 -12.70 10.06
N GLY B 229 5.38 -13.30 10.64
CA GLY B 229 5.52 -14.61 11.24
C GLY B 229 4.59 -15.60 10.57
N ARG B 230 4.56 -16.83 11.09
CA ARG B 230 3.71 -17.88 10.56
C ARG B 230 2.34 -17.81 11.22
N PHE B 231 2.30 -17.33 12.45
CA PHE B 231 1.05 -17.25 13.18
C PHE B 231 0.79 -15.91 13.83
N ASP B 232 0.78 -14.86 13.02
CA ASP B 232 0.50 -13.55 13.56
C ASP B 232 -1.00 -13.36 13.42
N VAL B 233 -1.66 -13.07 14.54
CA VAL B 233 -3.08 -12.84 14.52
C VAL B 233 -3.36 -11.52 13.80
N LEU B 234 -4.28 -11.56 12.84
CA LEU B 234 -4.65 -10.38 12.08
C LEU B 234 -5.43 -9.39 12.94
N PRO B 235 -5.31 -8.09 12.63
CA PRO B 235 -6.00 -7.05 13.38
C PRO B 235 -7.47 -7.07 13.03
N LEU B 236 -8.29 -6.46 13.89
CA LEU B 236 -9.72 -6.38 13.62
C LEU B 236 -9.89 -5.13 12.78
N VAL B 237 -10.45 -5.25 11.59
CA VAL B 237 -10.69 -4.10 10.73
C VAL B 237 -12.17 -3.85 10.82
N LEU B 238 -12.55 -2.84 11.60
CA LEU B 238 -13.94 -2.54 11.83
C LEU B 238 -14.53 -1.29 11.16
N GLN B 239 -15.74 -1.46 10.65
CA GLN B 239 -16.47 -0.41 9.97
C GLN B 239 -17.73 -0.08 10.76
N ALA B 240 -17.74 1.08 11.42
CA ALA B 240 -18.90 1.50 12.20
C ALA B 240 -19.78 2.48 11.44
N ASP B 241 -21.08 2.41 11.69
CA ASP B 241 -22.05 3.27 11.05
C ASP B 241 -21.89 3.19 9.55
N GLY B 242 -21.03 4.03 8.97
CA GLY B 242 -20.82 3.95 7.53
C GLY B 242 -19.43 4.38 7.15
N GLN B 243 -18.70 4.92 8.12
CA GLN B 243 -17.35 5.42 7.90
C GLN B 243 -16.31 4.40 7.49
N ASP B 244 -15.12 4.92 7.19
CA ASP B 244 -13.98 4.11 6.80
C ASP B 244 -13.60 3.22 7.96
N PRO B 245 -13.18 1.98 7.68
CA PRO B 245 -12.80 1.05 8.74
C PRO B 245 -11.58 1.47 9.56
N GLU B 246 -11.63 1.18 10.85
CA GLU B 246 -10.53 1.47 11.74
C GLU B 246 -9.89 0.13 12.13
N VAL B 247 -8.57 0.13 12.26
CA VAL B 247 -7.82 -1.07 12.59
C VAL B 247 -7.56 -1.17 14.09
N PHE B 248 -7.73 -2.36 14.66
CA PHE B 248 -7.48 -2.61 16.08
C PHE B 248 -6.77 -3.95 16.27
N GLU B 249 -5.60 -3.93 16.90
CA GLU B 249 -4.87 -5.16 17.15
C GLU B 249 -5.63 -5.87 18.24
N ILE B 250 -5.88 -7.17 18.05
CA ILE B 250 -6.58 -7.92 19.06
C ILE B 250 -5.63 -8.23 20.21
N PRO B 251 -5.98 -7.77 21.42
CA PRO B 251 -5.17 -7.98 22.62
C PRO B 251 -4.74 -9.43 22.76
N PRO B 252 -3.43 -9.69 22.62
CA PRO B 252 -2.85 -11.03 22.73
C PRO B 252 -3.42 -11.88 23.85
N ASP B 253 -3.67 -11.29 25.01
CA ASP B 253 -4.23 -12.03 26.14
C ASP B 253 -5.63 -12.62 25.87
N LEU B 254 -6.26 -12.21 24.77
CA LEU B 254 -7.59 -12.74 24.45
C LEU B 254 -7.58 -13.81 23.40
N VAL B 255 -6.43 -14.05 22.77
CA VAL B 255 -6.34 -15.07 21.75
C VAL B 255 -5.76 -16.37 22.31
N LEU B 256 -6.61 -17.33 22.59
CA LEU B 256 -6.17 -18.62 23.12
C LEU B 256 -5.69 -19.47 21.97
N GLU B 257 -4.53 -20.10 22.15
CA GLU B 257 -3.97 -20.95 21.11
C GLU B 257 -3.61 -22.30 21.68
N VAL B 258 -3.58 -23.30 20.81
CA VAL B 258 -3.25 -24.66 21.20
C VAL B 258 -1.98 -25.10 20.49
N THR B 259 -0.99 -25.53 21.27
CA THR B 259 0.26 -25.96 20.68
C THR B 259 0.12 -27.36 20.13
N MET B 260 0.55 -27.54 18.89
CA MET B 260 0.42 -28.82 18.22
C MET B 260 1.52 -29.85 18.50
N GLU B 261 1.10 -31.02 18.97
CA GLU B 261 2.05 -32.10 19.24
C GLU B 261 1.39 -33.46 19.15
N HIS B 262 2.15 -34.42 18.65
CA HIS B 262 1.67 -35.80 18.48
C HIS B 262 1.94 -36.65 19.71
N PRO B 263 1.00 -37.55 20.06
CA PRO B 263 1.14 -38.44 21.21
C PRO B 263 2.13 -39.59 21.04
N LYS B 264 2.73 -39.70 19.86
CA LYS B 264 3.70 -40.75 19.62
C LYS B 264 4.93 -40.21 18.91
N TYR B 265 4.72 -39.30 17.96
CA TYR B 265 5.84 -38.71 17.24
C TYR B 265 6.30 -37.44 17.92
N GLU B 266 7.42 -37.51 18.62
CA GLU B 266 7.93 -36.35 19.32
C GLU B 266 8.44 -35.27 18.39
N TRP B 267 8.75 -35.65 17.16
CA TRP B 267 9.24 -34.68 16.20
C TRP B 267 8.09 -33.80 15.72
N PHE B 268 6.85 -34.22 16.00
CA PHE B 268 5.72 -33.44 15.54
C PHE B 268 5.75 -32.04 16.11
N GLN B 269 6.11 -31.91 17.37
CA GLN B 269 6.20 -30.62 18.03
C GLN B 269 7.26 -29.77 17.31
N GLU B 270 8.23 -30.45 16.71
CA GLU B 270 9.30 -29.77 15.98
C GLU B 270 8.79 -29.02 14.76
N LEU B 271 7.55 -29.28 14.37
CA LEU B 271 6.97 -28.61 13.20
C LEU B 271 6.68 -27.14 13.53
N GLY B 272 6.62 -26.83 14.83
CA GLY B 272 6.34 -25.48 15.27
C GLY B 272 4.96 -24.98 14.92
N LEU B 273 3.99 -25.91 14.92
CA LEU B 273 2.62 -25.58 14.58
C LEU B 273 1.71 -25.34 15.78
N LYS B 274 0.68 -24.52 15.56
CA LYS B 274 -0.31 -24.24 16.58
C LYS B 274 -1.52 -23.62 15.88
N TRP B 275 -2.61 -23.45 16.62
CA TRP B 275 -3.78 -22.84 16.03
C TRP B 275 -4.65 -22.22 17.11
N TYR B 276 -5.41 -21.20 16.75
CA TYR B 276 -6.29 -20.55 17.72
C TYR B 276 -7.46 -21.45 18.10
N ALA B 277 -7.88 -21.32 19.36
CA ALA B 277 -8.96 -22.12 19.92
C ALA B 277 -10.37 -21.64 19.60
N LEU B 278 -10.50 -20.49 18.96
CA LEU B 278 -11.81 -19.94 18.70
C LEU B 278 -12.19 -19.76 17.23
N PRO B 279 -13.21 -20.51 16.76
CA PRO B 279 -13.68 -20.43 15.37
C PRO B 279 -14.87 -19.47 15.37
N ALA B 280 -14.68 -18.28 14.81
CA ALA B 280 -15.76 -17.30 14.80
C ALA B 280 -15.85 -16.57 13.49
N VAL B 281 -17.00 -16.69 12.83
CA VAL B 281 -17.21 -16.01 11.56
C VAL B 281 -17.51 -14.56 11.87
N ALA B 282 -16.96 -13.67 11.06
CA ALA B 282 -17.14 -12.25 11.33
C ALA B 282 -17.78 -11.44 10.23
N ASN B 283 -17.95 -12.03 9.05
CA ASN B 283 -18.49 -11.27 7.92
C ASN B 283 -19.83 -11.68 7.32
N MET B 284 -20.65 -12.43 8.03
CA MET B 284 -21.91 -12.81 7.45
C MET B 284 -23.04 -11.88 7.89
N LEU B 285 -24.14 -11.93 7.14
CA LEU B 285 -25.28 -11.06 7.43
C LEU B 285 -26.48 -11.83 7.94
N LEU B 286 -27.06 -11.33 9.02
CA LEU B 286 -28.25 -11.95 9.61
C LEU B 286 -29.49 -11.30 9.02
N GLU B 287 -30.35 -12.12 8.44
CA GLU B 287 -31.59 -11.67 7.84
C GLU B 287 -32.73 -12.19 8.70
N VAL B 288 -33.61 -11.28 9.11
CA VAL B 288 -34.75 -11.66 9.92
C VAL B 288 -35.91 -10.70 9.68
N GLY B 289 -37.09 -11.25 9.43
CA GLY B 289 -38.27 -10.44 9.19
C GLY B 289 -38.05 -9.20 8.34
N GLY B 290 -37.27 -9.31 7.28
CA GLY B 290 -37.06 -8.15 6.44
C GLY B 290 -35.90 -7.30 6.85
N LEU B 291 -35.49 -7.43 8.11
CA LEU B 291 -34.36 -6.67 8.62
C LEU B 291 -33.05 -7.35 8.23
N GLU B 292 -32.01 -6.55 8.11
CA GLU B 292 -30.70 -7.05 7.75
C GLU B 292 -29.65 -6.56 8.72
N PHE B 293 -28.93 -7.49 9.32
CA PHE B 293 -27.86 -7.15 10.25
C PHE B 293 -26.55 -7.51 9.55
N PRO B 294 -25.96 -6.54 8.85
CA PRO B 294 -24.70 -6.77 8.14
C PRO B 294 -23.48 -7.05 9.01
N ALA B 295 -23.64 -6.87 10.32
CA ALA B 295 -22.54 -7.13 11.24
C ALA B 295 -23.09 -7.91 12.43
N CYS B 296 -22.63 -9.15 12.59
CA CYS B 296 -23.11 -10.01 13.67
C CYS B 296 -22.19 -11.22 13.76
N PRO B 297 -20.97 -11.02 14.26
CA PRO B 297 -20.04 -12.15 14.38
C PRO B 297 -20.56 -13.22 15.32
N PHE B 298 -20.32 -14.49 14.97
CA PHE B 298 -20.73 -15.60 15.82
C PHE B 298 -19.67 -16.71 15.85
N ASN B 299 -19.78 -17.57 16.85
CA ASN B 299 -18.83 -18.66 16.98
C ASN B 299 -19.41 -19.90 17.64
N GLY B 300 -18.70 -21.01 17.46
CA GLY B 300 -19.06 -22.26 18.07
C GLY B 300 -17.70 -22.81 18.44
N TRP B 301 -17.46 -24.09 18.25
CA TRP B 301 -16.15 -24.63 18.53
C TRP B 301 -15.64 -25.43 17.34
N TYR B 302 -14.42 -25.93 17.46
CA TYR B 302 -13.79 -26.66 16.38
C TYR B 302 -14.08 -28.15 16.19
N MET B 303 -13.94 -28.57 14.95
CA MET B 303 -14.06 -29.97 14.57
C MET B 303 -12.66 -30.21 14.05
N GLY B 304 -11.94 -31.13 14.69
CA GLY B 304 -10.57 -31.43 14.32
C GLY B 304 -10.14 -31.34 12.88
N THR B 305 -10.94 -31.92 11.99
CA THR B 305 -10.59 -31.94 10.58
C THR B 305 -10.41 -30.55 9.94
N GLU B 306 -11.04 -29.53 10.52
CA GLU B 306 -10.95 -28.16 10.02
C GLU B 306 -9.49 -27.69 10.06
N ILE B 307 -8.87 -27.90 11.22
CA ILE B 307 -7.48 -27.53 11.44
C ILE B 307 -6.56 -28.62 10.87
N GLY B 308 -6.84 -29.87 11.21
CA GLY B 308 -5.99 -30.95 10.74
C GLY B 308 -5.95 -31.20 9.24
N VAL B 309 -7.12 -31.18 8.61
CA VAL B 309 -7.20 -31.46 7.18
C VAL B 309 -7.14 -30.23 6.31
N ARG B 310 -8.03 -29.28 6.58
CA ARG B 310 -8.11 -28.07 5.76
C ARG B 310 -6.99 -27.06 5.99
N ASP B 311 -6.95 -26.47 7.18
CA ASP B 311 -5.94 -25.47 7.52
C ASP B 311 -4.51 -25.94 7.30
N PHE B 312 -4.23 -27.19 7.68
CA PHE B 312 -2.89 -27.74 7.55
C PHE B 312 -2.54 -28.40 6.21
N CYS B 313 -3.46 -29.20 5.66
CA CYS B 313 -3.15 -29.90 4.41
C CYS B 313 -3.64 -29.31 3.10
N ASP B 314 -4.48 -28.28 3.15
CA ASP B 314 -4.92 -27.65 1.91
C ASP B 314 -3.63 -27.10 1.29
N THR B 315 -3.43 -27.31 -0.01
CA THR B 315 -2.21 -26.82 -0.64
C THR B 315 -2.16 -25.29 -0.65
N GLN B 316 -3.33 -24.66 -0.55
CA GLN B 316 -3.44 -23.21 -0.55
C GLN B 316 -3.37 -22.62 0.88
N ARG B 317 -3.19 -23.49 1.86
CA ARG B 317 -3.11 -23.06 3.26
C ARG B 317 -1.71 -23.38 3.78
N TYR B 318 -1.60 -23.96 4.97
CA TYR B 318 -0.28 -24.27 5.51
C TYR B 318 0.49 -25.41 4.85
N ASN B 319 -0.18 -26.09 3.92
CA ASN B 319 0.38 -27.19 3.13
C ASN B 319 1.53 -28.01 3.74
N ILE B 320 1.30 -28.59 4.91
CA ILE B 320 2.33 -29.39 5.59
C ILE B 320 2.36 -30.88 5.26
N LEU B 321 1.53 -31.35 4.33
CA LEU B 321 1.46 -32.78 4.03
C LEU B 321 2.75 -33.56 3.75
N GLU B 322 3.45 -33.20 2.68
CA GLU B 322 4.70 -33.89 2.34
C GLU B 322 5.69 -33.84 3.49
N GLU B 323 5.80 -32.67 4.11
CA GLU B 323 6.70 -32.48 5.23
C GLU B 323 6.40 -33.56 6.28
N VAL B 324 5.13 -33.72 6.62
CA VAL B 324 4.75 -34.72 7.61
C VAL B 324 4.98 -36.13 7.05
N GLY B 325 4.80 -36.26 5.73
CA GLY B 325 5.00 -37.55 5.10
C GLY B 325 6.43 -38.05 5.23
N ARG B 326 7.38 -37.21 4.83
CA ARG B 326 8.80 -37.55 4.89
C ARG B 326 9.23 -37.91 6.30
N ARG B 327 8.79 -37.13 7.29
CA ARG B 327 9.15 -37.39 8.67
C ARG B 327 8.57 -38.70 9.15
N MET B 328 7.66 -39.27 8.38
CA MET B 328 7.04 -40.54 8.73
C MET B 328 7.73 -41.64 7.93
N GLY B 329 8.62 -41.24 7.02
CA GLY B 329 9.35 -42.18 6.19
C GLY B 329 8.53 -42.84 5.11
N LEU B 330 7.34 -42.33 4.86
CA LEU B 330 6.47 -42.90 3.84
C LEU B 330 7.01 -42.65 2.43
N GLU B 331 6.48 -43.39 1.46
CA GLU B 331 6.90 -43.23 0.07
C GLU B 331 6.24 -41.99 -0.50
N THR B 332 6.70 -40.83 -0.04
CA THR B 332 6.18 -39.54 -0.46
C THR B 332 6.11 -39.35 -1.96
N HIS B 333 6.86 -40.15 -2.71
CA HIS B 333 6.88 -40.01 -4.16
C HIS B 333 5.99 -40.98 -4.92
N THR B 334 5.44 -41.96 -4.21
CA THR B 334 4.56 -42.95 -4.82
C THR B 334 3.13 -42.70 -4.33
N LEU B 335 2.42 -41.86 -5.07
CA LEU B 335 1.04 -41.49 -4.75
C LEU B 335 0.15 -42.71 -4.42
N ALA B 336 0.38 -43.82 -5.09
CA ALA B 336 -0.44 -45.01 -4.84
C ALA B 336 -0.20 -45.65 -3.48
N SER B 337 0.91 -45.30 -2.84
CA SER B 337 1.23 -45.87 -1.54
C SER B 337 0.24 -45.40 -0.46
N LEU B 338 -0.60 -44.42 -0.82
CA LEU B 338 -1.58 -43.85 0.11
C LEU B 338 -0.92 -43.19 1.31
N TRP B 339 0.27 -42.63 1.12
CA TRP B 339 0.99 -41.97 2.21
C TRP B 339 0.21 -40.77 2.69
N LYS B 340 -0.43 -40.06 1.76
CA LYS B 340 -1.21 -38.89 2.11
C LYS B 340 -2.31 -39.23 3.12
N ASP B 341 -2.98 -40.36 2.93
CA ASP B 341 -4.04 -40.79 3.83
C ASP B 341 -3.44 -41.08 5.22
N ARG B 342 -2.21 -41.61 5.21
CA ARG B 342 -1.50 -41.94 6.44
C ARG B 342 -1.19 -40.64 7.18
N ALA B 343 -0.49 -39.76 6.50
CA ALA B 343 -0.09 -38.49 7.09
C ALA B 343 -1.29 -37.77 7.70
N VAL B 344 -2.26 -37.43 6.85
CA VAL B 344 -3.43 -36.70 7.31
C VAL B 344 -4.05 -37.25 8.58
N THR B 345 -4.12 -38.57 8.71
CA THR B 345 -4.72 -39.11 9.92
C THR B 345 -3.89 -38.78 11.16
N GLU B 346 -2.56 -38.90 11.05
CA GLU B 346 -1.71 -38.58 12.20
C GLU B 346 -1.85 -37.12 12.58
N ILE B 347 -1.85 -36.23 11.60
CA ILE B 347 -2.00 -34.81 11.85
C ILE B 347 -3.35 -34.57 12.57
N ASN B 348 -4.36 -35.32 12.16
CA ASN B 348 -5.68 -35.20 12.77
C ASN B 348 -5.61 -35.62 14.23
N VAL B 349 -4.94 -36.74 14.51
CA VAL B 349 -4.88 -37.17 15.90
C VAL B 349 -4.05 -36.17 16.69
N ALA B 350 -3.06 -35.56 16.04
CA ALA B 350 -2.22 -34.56 16.71
C ALA B 350 -3.12 -33.44 17.19
N VAL B 351 -3.85 -32.84 16.24
CA VAL B 351 -4.77 -31.74 16.53
C VAL B 351 -5.70 -32.11 17.67
N LEU B 352 -6.37 -33.23 17.54
CA LEU B 352 -7.31 -33.71 18.56
C LEU B 352 -6.62 -33.91 19.89
N HIS B 353 -5.45 -34.53 19.84
CA HIS B 353 -4.70 -34.80 21.04
C HIS B 353 -4.27 -33.50 21.73
N SER B 354 -3.83 -32.52 20.94
CA SER B 354 -3.39 -31.24 21.49
C SER B 354 -4.52 -30.48 22.19
N PHE B 355 -5.67 -30.36 21.53
CA PHE B 355 -6.80 -29.66 22.14
C PHE B 355 -7.19 -30.44 23.40
N GLN B 356 -7.00 -31.75 23.35
CA GLN B 356 -7.32 -32.61 24.48
C GLN B 356 -6.43 -32.22 25.66
N LYS B 357 -5.12 -32.23 25.43
CA LYS B 357 -4.13 -31.92 26.45
C LYS B 357 -4.28 -30.52 26.98
N GLN B 358 -4.31 -29.53 26.08
CA GLN B 358 -4.44 -28.13 26.49
C GLN B 358 -5.81 -27.80 27.04
N ASN B 359 -6.65 -28.81 27.22
CA ASN B 359 -8.00 -28.63 27.74
C ASN B 359 -8.91 -27.65 27.01
N VAL B 360 -8.86 -27.66 25.67
CA VAL B 360 -9.68 -26.76 24.87
C VAL B 360 -10.74 -27.58 24.16
N THR B 361 -11.97 -27.09 24.15
CA THR B 361 -13.05 -27.80 23.50
C THR B 361 -12.80 -28.06 22.02
N ILE B 362 -13.10 -29.29 21.60
CA ILE B 362 -12.96 -29.69 20.22
C ILE B 362 -13.71 -31.00 20.06
N MET B 363 -14.15 -31.28 18.83
CA MET B 363 -14.91 -32.48 18.54
C MET B 363 -14.31 -33.19 17.32
N ASP B 364 -14.26 -34.52 17.35
CA ASP B 364 -13.73 -35.25 16.19
C ASP B 364 -14.84 -35.31 15.14
N HIS B 365 -14.50 -35.59 13.90
CA HIS B 365 -15.49 -35.60 12.84
C HIS B 365 -16.51 -36.71 12.88
N HIS B 366 -16.16 -37.81 13.54
CA HIS B 366 -17.06 -38.95 13.66
C HIS B 366 -18.16 -38.61 14.65
N THR B 367 -17.77 -38.20 15.85
CA THR B 367 -18.74 -37.86 16.86
C THR B 367 -19.65 -36.74 16.36
N ALA B 368 -19.07 -35.82 15.60
CA ALA B 368 -19.81 -34.69 15.05
C ALA B 368 -20.88 -35.19 14.10
N SER B 369 -20.49 -36.09 13.21
CA SER B 369 -21.45 -36.63 12.26
C SER B 369 -22.64 -37.27 12.95
N GLU B 370 -22.36 -38.04 13.98
CA GLU B 370 -23.44 -38.71 14.68
C GLU B 370 -24.35 -37.73 15.40
N SER B 371 -23.81 -36.61 15.87
CA SER B 371 -24.68 -35.67 16.56
C SER B 371 -25.60 -34.99 15.57
N PHE B 372 -25.10 -34.69 14.39
CA PHE B 372 -25.93 -34.04 13.39
C PHE B 372 -27.06 -34.96 12.95
N MET B 373 -26.74 -36.24 12.75
CA MET B 373 -27.73 -37.22 12.33
C MET B 373 -28.81 -37.23 13.39
N LYS B 374 -28.40 -37.23 14.65
CA LYS B 374 -29.37 -37.22 15.73
C LYS B 374 -30.19 -35.95 15.61
N HIS B 375 -29.50 -34.83 15.42
CA HIS B 375 -30.18 -33.55 15.29
C HIS B 375 -31.22 -33.58 14.20
N MET B 376 -30.78 -33.95 13.00
CA MET B 376 -31.64 -34.03 11.83
C MET B 376 -32.91 -34.82 12.13
N GLN B 377 -32.76 -35.94 12.81
CA GLN B 377 -33.90 -36.76 13.18
C GLN B 377 -34.82 -35.94 14.06
N ASN B 378 -34.26 -35.35 15.12
CA ASN B 378 -35.06 -34.55 16.01
C ASN B 378 -35.79 -33.49 15.21
N GLU B 379 -35.05 -32.87 14.30
CA GLU B 379 -35.56 -31.79 13.47
C GLU B 379 -36.76 -32.18 12.61
N TYR B 380 -36.70 -33.35 11.96
CA TYR B 380 -37.81 -33.79 11.13
C TYR B 380 -39.06 -34.07 11.95
N ARG B 381 -38.89 -34.62 13.15
CA ARG B 381 -40.04 -34.88 14.01
C ARG B 381 -40.59 -33.54 14.49
N ALA B 382 -39.68 -32.67 14.91
CA ALA B 382 -40.04 -31.35 15.42
C ALA B 382 -40.75 -30.48 14.39
N ARG B 383 -40.19 -30.34 13.19
CA ARG B 383 -40.84 -29.51 12.19
C ARG B 383 -40.78 -30.03 10.76
N GLY B 384 -40.70 -31.34 10.62
CA GLY B 384 -40.69 -31.97 9.31
C GLY B 384 -39.67 -31.51 8.29
N GLY B 385 -38.40 -31.47 8.69
CA GLY B 385 -37.37 -31.06 7.77
C GLY B 385 -36.20 -30.38 8.42
N CYS B 386 -35.07 -30.41 7.72
CA CYS B 386 -33.85 -29.77 8.18
C CYS B 386 -33.00 -29.47 6.96
N PRO B 387 -32.82 -28.19 6.65
CA PRO B 387 -32.01 -27.80 5.48
C PRO B 387 -30.56 -28.24 5.68
N ALA B 388 -30.00 -28.95 4.71
CA ALA B 388 -28.64 -29.44 4.84
C ALA B 388 -27.86 -29.42 3.52
N ASP B 389 -26.61 -29.01 3.60
CA ASP B 389 -25.73 -28.95 2.44
C ASP B 389 -24.79 -30.16 2.53
N TRP B 390 -25.23 -31.28 2.00
CA TRP B 390 -24.44 -32.51 2.02
C TRP B 390 -22.96 -32.24 1.78
N ILE B 391 -22.67 -31.45 0.75
CA ILE B 391 -21.30 -31.12 0.37
C ILE B 391 -20.46 -30.50 1.50
N TRP B 392 -21.10 -29.77 2.39
CA TRP B 392 -20.39 -29.17 3.51
C TRP B 392 -20.43 -30.02 4.76
N LEU B 393 -21.50 -30.80 4.90
CA LEU B 393 -21.68 -31.65 6.07
C LEU B 393 -20.81 -32.90 6.10
N VAL B 394 -20.44 -33.43 4.95
CA VAL B 394 -19.58 -34.61 4.97
C VAL B 394 -18.15 -34.13 5.18
N PRO B 395 -17.49 -34.60 6.24
CA PRO B 395 -16.11 -34.24 6.58
C PRO B 395 -15.14 -34.34 5.41
N PRO B 396 -14.09 -33.51 5.40
CA PRO B 396 -13.09 -33.52 4.32
C PRO B 396 -12.27 -34.80 4.31
N VAL B 397 -12.62 -35.72 5.21
CA VAL B 397 -11.88 -36.96 5.29
C VAL B 397 -12.81 -38.04 5.85
N SER B 398 -12.57 -39.29 5.45
CA SER B 398 -13.38 -40.42 5.89
C SER B 398 -14.87 -40.22 5.71
N GLY B 399 -15.23 -39.49 4.66
CA GLY B 399 -16.63 -39.21 4.39
C GLY B 399 -17.55 -40.41 4.54
N SER B 400 -17.29 -41.41 3.71
CA SER B 400 -18.05 -42.65 3.67
C SER B 400 -18.13 -43.37 5.03
N ILE B 401 -17.10 -43.23 5.84
CA ILE B 401 -17.05 -43.86 7.16
C ILE B 401 -17.95 -43.07 8.10
N THR B 402 -18.61 -42.07 7.55
CA THR B 402 -19.49 -41.20 8.31
C THR B 402 -20.97 -41.41 7.99
N PRO B 403 -21.85 -41.28 9.00
CA PRO B 403 -23.29 -41.46 8.79
C PRO B 403 -23.89 -40.49 7.76
N VAL B 404 -23.57 -39.21 7.86
CA VAL B 404 -24.14 -38.22 6.95
C VAL B 404 -23.88 -38.49 5.48
N PHE B 405 -22.77 -39.16 5.19
CA PHE B 405 -22.45 -39.46 3.81
C PHE B 405 -23.57 -40.28 3.13
N HIS B 406 -24.14 -41.23 3.87
CA HIS B 406 -25.18 -42.09 3.35
C HIS B 406 -26.57 -41.50 3.58
N GLN B 407 -26.63 -40.23 3.94
CA GLN B 407 -27.92 -39.60 4.22
C GLN B 407 -28.38 -38.60 3.15
N GLU B 408 -29.40 -38.97 2.37
CA GLU B 408 -29.88 -38.05 1.36
C GLU B 408 -30.42 -36.87 2.11
N MET B 409 -30.13 -35.66 1.65
CA MET B 409 -30.61 -34.47 2.32
C MET B 409 -30.96 -33.36 1.35
N LEU B 410 -31.91 -32.53 1.74
CA LEU B 410 -32.37 -31.43 0.92
C LEU B 410 -31.84 -30.11 1.43
N ASN B 411 -31.32 -29.30 0.49
CA ASN B 411 -30.78 -28.01 0.84
C ASN B 411 -31.65 -26.85 0.32
N TYR B 412 -32.10 -26.00 1.23
CA TYR B 412 -32.94 -24.86 0.88
C TYR B 412 -32.77 -23.70 1.86
N VAL B 413 -33.11 -22.50 1.42
CA VAL B 413 -32.97 -21.31 2.27
C VAL B 413 -34.25 -20.86 2.98
N LEU B 414 -34.31 -21.05 4.29
CA LEU B 414 -35.45 -20.60 5.08
C LEU B 414 -35.16 -19.19 5.58
N SER B 415 -35.90 -18.75 6.59
CA SER B 415 -35.67 -17.42 7.17
C SER B 415 -36.21 -17.41 8.59
N PRO B 416 -35.51 -16.75 9.53
CA PRO B 416 -34.24 -16.02 9.39
C PRO B 416 -33.07 -16.85 8.85
N PHE B 417 -32.08 -16.19 8.27
CA PHE B 417 -30.95 -16.88 7.65
C PHE B 417 -29.62 -16.12 7.77
N TYR B 418 -28.50 -16.87 7.71
CA TYR B 418 -27.18 -16.25 7.76
C TYR B 418 -26.65 -16.28 6.33
N TYR B 419 -26.47 -15.11 5.73
CA TYR B 419 -25.99 -15.02 4.35
C TYR B 419 -24.56 -14.57 4.24
N TYR B 420 -23.99 -14.79 3.07
CA TYR B 420 -22.65 -14.29 2.81
C TYR B 420 -22.95 -12.92 2.24
N GLN B 421 -21.95 -12.06 2.19
CA GLN B 421 -22.15 -10.76 1.59
C GLN B 421 -20.93 -10.42 0.78
N ILE B 422 -21.04 -9.40 -0.07
CA ILE B 422 -19.92 -9.02 -0.89
C ILE B 422 -18.86 -8.41 -0.02
N GLU B 423 -17.60 -8.70 -0.33
CA GLU B 423 -16.50 -8.15 0.44
C GLU B 423 -16.64 -6.64 0.43
N PRO B 424 -16.75 -6.04 1.62
CA PRO B 424 -16.90 -4.59 1.80
C PRO B 424 -15.91 -3.73 1.02
N TRP B 425 -14.63 -4.10 1.04
CA TRP B 425 -13.62 -3.31 0.34
C TRP B 425 -13.89 -3.24 -1.17
N LYS B 426 -14.82 -4.06 -1.64
CA LYS B 426 -15.16 -4.05 -3.07
C LYS B 426 -16.27 -3.05 -3.36
N THR B 427 -17.13 -2.80 -2.38
CA THR B 427 -18.21 -1.85 -2.54
C THR B 427 -18.22 -0.92 -1.34
N HIS B 428 -17.32 0.07 -1.37
CA HIS B 428 -17.21 1.02 -0.27
C HIS B 428 -16.53 2.28 -0.73
N ILE B 429 -17.18 3.41 -0.51
CA ILE B 429 -16.61 4.69 -0.91
C ILE B 429 -16.00 5.36 0.30
N TRP B 430 -14.71 5.63 0.24
CA TRP B 430 -14.01 6.27 1.35
C TRP B 430 -14.24 7.77 1.42
CHA HEM C . 22.63 21.28 -8.67
CHB HEM C . 26.55 19.65 -11.00
CHC HEM C . 24.42 20.59 -15.22
CHD HEM C . 20.62 22.54 -12.90
C1A HEM C . 23.84 20.62 -8.91
C2A HEM C . 24.71 19.98 -7.90
C3A HEM C . 25.81 19.57 -8.59
C4A HEM C . 25.64 19.93 -9.99
CMA HEM C . 27.09 18.97 -7.97
CAA HEM C . 24.46 19.77 -6.42
CBA HEM C . 23.41 18.70 -6.31
CGA HEM C . 23.06 18.35 -4.87
O1A HEM C . 22.09 17.60 -4.68
O2A HEM C . 23.74 18.82 -3.93
C1B HEM C . 26.37 19.88 -12.35
C2B HEM C . 27.31 19.47 -13.35
C3B HEM C . 26.75 19.67 -14.59
C4B HEM C . 25.41 20.26 -14.29
CMB HEM C . 28.71 18.94 -13.11
CAB HEM C . 27.36 19.19 -15.79
CBB HEM C . 27.45 19.80 -17.05
C1C HEM C . 23.18 21.17 -14.95
C2C HEM C . 22.17 21.38 -15.93
C3C HEM C . 21.09 21.99 -15.30
C4C HEM C . 21.47 22.10 -13.90
CMC HEM C . 22.33 21.03 -17.40
CAC HEM C . 19.89 22.43 -15.85
CBC HEM C . 19.62 22.60 -17.21
C1D HEM C . 20.87 22.48 -11.53
C2D HEM C . 19.88 22.76 -10.49
C3D HEM C . 20.46 22.39 -9.35
C4D HEM C . 21.80 21.90 -9.61
CMD HEM C . 18.46 23.30 -10.56
CAD HEM C . 19.76 22.38 -8.04
CBD HEM C . 19.15 21.04 -7.76
CGD HEM C . 18.42 21.04 -6.45
O1D HEM C . 18.13 19.95 -5.92
O2D HEM C . 18.14 22.15 -5.95
NA HEM C . 24.41 20.57 -10.18
NB HEM C . 25.22 20.40 -12.91
NC HEM C . 22.73 21.59 -13.70
ND HEM C . 22.04 21.97 -10.96
FE HEM C . 23.77 21.47 -11.92
N1 H4B D . 24.64 21.48 -0.56
C2 H4B D . 24.40 20.73 -1.63
N2 H4B D . 25.12 20.91 -2.73
N3 H4B D . 23.47 19.76 -1.63
C4 H4B D . 22.76 19.53 -0.52
O4 H4B D . 22.02 18.56 -0.41
C4A H4B D . 22.88 20.39 0.56
C8A H4B D . 23.79 21.45 0.46
N5 H4B D . 22.16 20.20 1.67
N8 H4B D . 23.80 22.42 1.39
C6 H4B D . 22.49 20.96 2.87
C7 H4B D . 23.31 22.15 2.65
C9 H4B D . 21.39 20.86 3.93
O9 H4B D . 21.66 19.74 4.78
C10 H4B D . 21.31 22.12 4.78
C11 H4B D . 20.40 21.90 5.98
O10 H4B D . 20.80 23.17 3.97
C2 A55 E . 21.32 18.94 -12.54
C1 A55 E . 22.44 18.29 -13.14
C6 A55 E . 23.30 17.48 -12.36
C5 A55 E . 23.05 17.32 -10.98
C4 A55 E . 21.92 17.98 -10.40
C3 A55 E . 21.07 18.78 -11.16
F27 A55 E . 20.04 19.38 -10.54
N7 A55 E . 21.69 17.80 -9.07
C8 A55 E . 22.03 16.48 -8.54
N9 A55 E . 23.42 16.06 -8.86
C10 A55 E . 23.90 16.48 -10.02
N11 A55 E . 25.14 16.20 -10.40
C16 A55 E . 20.98 15.47 -9.11
C17 A55 E . 21.38 14.02 -8.88
N18 A55 E . 21.09 13.71 -7.49
C20 A55 E . 20.72 12.45 -7.12
C21 A55 E . 20.44 12.18 -5.70
C23 A55 E . 19.93 13.18 -4.73
C24 A55 E . 19.85 12.49 -3.59
O25 A55 E . 20.22 11.17 -3.65
C26 A55 E . 20.57 11.05 -4.96
O22 A55 E . 20.60 11.49 -7.95
F12 A55 E . 24.36 16.88 -12.93
CHA HEM F . -20.30 -23.77 9.49
CHB HEM F . -19.25 -26.34 13.56
CHC HEM F . -21.95 -23.28 16.17
CHD HEM F . -23.31 -20.98 12.08
C1A HEM F . -19.67 -24.65 10.41
C2A HEM F . -18.63 -25.61 10.07
C3A HEM F . -18.42 -26.36 11.17
C4A HEM F . -19.25 -25.84 12.23
CMA HEM F . -17.52 -27.56 11.28
CAA HEM F . -17.79 -25.72 8.83
CBA HEM F . -16.76 -24.61 8.72
CGA HEM F . -15.99 -24.67 7.42
O1A HEM F . -15.36 -23.65 7.03
O2A HEM F . -15.98 -25.73 6.77
C1B HEM F . -19.97 -25.79 14.62
C2B HEM F . -19.87 -26.21 15.99
C3B HEM F . -20.56 -25.35 16.76
C4B HEM F . -21.13 -24.37 15.83
CMB HEM F . -19.12 -27.43 16.52
CAB HEM F . -20.54 -25.42 18.14
CBB HEM F . -21.63 -25.43 19.01
C1C HEM F . -22.57 -22.37 15.28
C2C HEM F . -23.28 -21.15 15.70
C3C HEM F . -23.70 -20.52 14.53
C4C HEM F . -23.22 -21.35 13.42
CMC HEM F . -23.47 -20.66 17.14
CAC HEM F . -24.43 -19.33 14.38
CBC HEM F . -25.31 -18.84 15.33
C1D HEM F . -22.70 -21.61 10.97
C2D HEM F . -22.76 -21.08 9.62
C3D HEM F . -21.92 -21.83 8.92
C4D HEM F . -21.35 -22.86 9.81
CMD HEM F . -23.55 -19.90 9.07
CAD HEM F . -21.54 -21.48 7.51
CBD HEM F . -20.16 -20.86 7.44
CGD HEM F . -19.71 -20.72 6.00
O1D HEM F . -18.52 -20.42 5.77
O2D HEM F . -20.56 -20.89 5.10
NA HEM F . -20.01 -24.77 11.75
NB HEM F . -20.77 -24.67 14.52
NC HEM F . -22.53 -22.47 13.89
ND HEM F . -21.86 -22.71 11.07
FE HEM F . -21.54 -23.88 12.75
N1 H4B G . -17.16 -28.33 3.17
C2 H4B G . -16.97 -27.51 4.21
N2 H4B G . -17.49 -27.83 5.38
N3 H4B G . -16.23 -26.40 4.10
C4 H4B G . -15.66 -26.09 2.94
O4 H4B G . -14.83 -25.17 2.85
C4A H4B G . -15.97 -26.83 1.78
C8A H4B G . -16.79 -27.97 1.95
N5 H4B G . -15.53 -26.47 0.58
N8 H4B G . -17.19 -28.68 0.89
C6 H4B G . -16.15 -27.06 -0.59
C7 H4B G . -16.70 -28.39 -0.37
C9 H4B G . -15.48 -26.63 -1.90
O9 H4B G . -14.16 -27.17 -1.95
C10 H4B G . -16.24 -27.05 -3.16
C11 H4B G . -15.59 -26.43 -4.39
O10 H4B G . -17.61 -26.64 -3.07
C2 A55 H . -19.85 -20.78 13.12
C1 A55 H . -19.43 -21.46 14.29
C6 A55 H . -18.33 -22.35 14.24
C5 A55 H . -17.63 -22.54 13.03
C4 A55 H . -18.06 -21.85 11.88
C3 A55 H . -19.15 -21.00 11.90
F27 A55 H . -19.52 -20.39 10.77
N7 A55 H . -17.37 -22.04 10.71
C8 A55 H . -15.93 -22.22 10.84
N9 A55 H . -15.59 -23.31 11.81
C10 A55 H . -16.42 -23.46 12.85
N11 A55 H . -16.22 -24.39 13.75
C16 A55 H . -15.35 -20.83 11.22
C17 A55 H . -13.87 -20.83 11.54
N18 A55 H . -13.11 -20.92 10.29
C20 A55 H . -11.85 -20.39 10.19
C21 A55 H . -11.11 -20.52 8.91
C23 A55 H . -11.75 -20.73 7.59
C24 A55 H . -10.70 -20.80 6.73
O25 A55 H . -9.46 -20.67 7.30
C26 A55 H . -9.79 -20.51 8.63
O22 A55 H . -11.27 -19.80 11.15
F12 A55 H . -17.95 -22.98 15.35
#